data_8D6M
#
_entry.id   8D6M
#
_cell.length_a   228.848
_cell.length_b   228.848
_cell.length_c   67.224
_cell.angle_alpha   90.00
_cell.angle_beta   90.00
_cell.angle_gamma   120.00
#
_symmetry.space_group_name_H-M   'H 3'
#
loop_
_entity.id
_entity.type
_entity.pdbx_description
1 polymer Saxiphilin
2 non-polymer 'PENTAETHYLENE GLYCOL'
3 non-polymer '[(3aS,4R,10aS)-2,6-diamino-10,10-dihydroxy-3a,4,9,10-tetrahydro-3H,8H-pyrrolo[1,2-c]purin-4-yl]methyl carbamate'
4 water water
#
_entity_poly.entity_id   1
_entity_poly.type   'polypeptide(L)'
_entity_poly.pdbx_seq_one_letter_code
;MALTFHTALYFTIVGLSFAASDARHVQWCTISHLEQKKCNDLVGSCNVPDITLACVYRSSTENCMAAIKDGQADAMFLDS
GDVYKASLDHYNLKPIIAEPYSLHRELTKCLKHRQESLGGDKMVKGRYIPQCDEKGNYHPVQCHASTGYCWCVNANGEKI
EGTNTTPVQTPPTCPSQVLTKCLKERQEALGGKRIAIGRYIPQCDEQGNYRPMQCHGSTGYCWCVNAIGEKIEGTNTPPG
NTQPTCQSHDWDTCHYAVAVVKNSSTFQFGQLKGKRSCHSGLSKTDGWNAPVNVFVEKKLLPWDGLAKGSIERAVSKFFS
ASCIPGATETNLCKQCIGEEEKKCKSSHDEPYYGDHGAFRCLQEDKGDVAFLKNTALPDEHSGVYELLCPDNTRKPLNKY
KECNLGKVPADAVVTRKAGDKTKDINDFLLEAQKKKCKLFGSPHGKDLMFDDSTTHLAPLPSEIDAFFFLGVKWYNAMKA
LTEDVKLPSKNKVRWCTINKPEMMKCKDWAAVSGGAIACTEASCPEHCVKQILKGEADAVTLDVQYMYMALMCGLLPAVE
EYPNKDDFHPCQIPGSTIKDFGTKRAVALVKKSNKDIKWNNLKGKKSCHTHVGDIPGWVIPAGLISNQNDNIDIESFFGE
SCAPGSDTNSKLCKLCIGDPENPKASTRCSLSDKEAYYGNEGAFRCLVEKGDVAFVPHTVVFANTDGKNPAEWAKDLKSE
DFEILCLDGSRAPVTNYRGCNLSGLPPRAIVTREESVSDVVRILINQQSLYGRNGFEKDMFQMFSSAKGQNLLFNDETQC
LIEFDRQPKDIMEDYFGVRYYTAVYSASRSAVPSELIPACTFKHCSNSLEVLFQ
;
_entity_poly.pdbx_strand_id   A
#
# COMPACT_ATOMS: atom_id res chain seq x y z
N ARG A 24 -3.31 -28.32 -15.00
CA ARG A 24 -3.63 -27.53 -13.82
C ARG A 24 -5.12 -27.39 -13.70
N HIS A 25 -5.62 -27.28 -12.47
CA HIS A 25 -7.06 -27.17 -12.24
C HIS A 25 -7.36 -26.01 -11.29
N VAL A 26 -8.55 -25.45 -11.42
CA VAL A 26 -9.09 -24.54 -10.42
C VAL A 26 -10.47 -25.05 -10.09
N GLN A 27 -10.71 -25.31 -8.82
CA GLN A 27 -12.01 -25.77 -8.35
C GLN A 27 -12.74 -24.59 -7.74
N TRP A 28 -13.79 -24.12 -8.40
CA TRP A 28 -14.59 -23.00 -7.92
C TRP A 28 -15.68 -23.52 -6.99
N CYS A 29 -15.85 -22.90 -5.84
CA CYS A 29 -16.95 -23.28 -4.94
C CYS A 29 -18.19 -22.44 -5.21
N THR A 30 -19.32 -23.10 -5.46
CA THR A 30 -20.58 -22.43 -5.73
C THR A 30 -21.52 -22.65 -4.56
N ILE A 31 -22.46 -21.73 -4.34
CA ILE A 31 -23.31 -21.75 -3.15
C ILE A 31 -24.76 -22.11 -3.47
N SER A 32 -25.08 -22.39 -4.72
CA SER A 32 -26.47 -22.61 -5.07
C SER A 32 -26.52 -23.41 -6.36
N HIS A 33 -27.73 -23.90 -6.69
CA HIS A 33 -27.91 -24.64 -7.95
C HIS A 33 -27.76 -23.73 -9.15
N LEU A 34 -28.32 -22.52 -9.07
CA LEU A 34 -28.16 -21.59 -10.17
C LEU A 34 -26.69 -21.33 -10.45
N GLU A 35 -25.93 -21.08 -9.40
CA GLU A 35 -24.54 -20.72 -9.62
C GLU A 35 -23.75 -21.92 -10.11
N GLN A 36 -24.03 -23.10 -9.54
CA GLN A 36 -23.35 -24.29 -10.05
C GLN A 36 -23.63 -24.47 -11.54
N LYS A 37 -24.88 -24.27 -11.94
CA LYS A 37 -25.21 -24.39 -13.36
C LYS A 37 -24.45 -23.39 -14.21
N LYS A 38 -24.42 -22.11 -13.79
CA LYS A 38 -23.60 -21.15 -14.54
C LYS A 38 -22.13 -21.55 -14.56
N CYS A 39 -21.57 -21.95 -13.41
CA CYS A 39 -20.17 -22.35 -13.41
C CYS A 39 -19.94 -23.55 -14.33
N ASN A 40 -20.88 -24.50 -14.29
CA ASN A 40 -20.85 -25.62 -15.24
C ASN A 40 -20.89 -25.15 -16.69
N ASP A 41 -21.69 -24.13 -17.01
CA ASP A 41 -21.68 -23.61 -18.38
C ASP A 41 -20.29 -23.11 -18.77
N LEU A 42 -19.62 -22.40 -17.87
CA LEU A 42 -18.28 -21.90 -18.17
C LEU A 42 -17.27 -23.03 -18.36
N VAL A 43 -17.39 -24.13 -17.61
CA VAL A 43 -16.53 -25.28 -17.89
C VAL A 43 -16.60 -25.65 -19.36
N GLY A 44 -17.81 -25.64 -19.92
CA GLY A 44 -17.95 -25.86 -21.36
C GLY A 44 -17.46 -24.70 -22.21
N SER A 45 -17.98 -23.50 -21.95
CA SER A 45 -17.86 -22.43 -22.95
C SER A 45 -16.52 -21.72 -22.92
N CYS A 46 -15.84 -21.71 -21.78
CA CYS A 46 -14.62 -20.93 -21.63
C CYS A 46 -13.43 -21.85 -21.80
N ASN A 47 -12.63 -21.60 -22.82
CA ASN A 47 -11.50 -22.47 -23.11
C ASN A 47 -10.20 -21.75 -22.76
N VAL A 48 -9.62 -22.13 -21.63
CA VAL A 48 -8.34 -21.57 -21.21
C VAL A 48 -7.31 -22.69 -21.29
N PRO A 49 -6.34 -22.60 -22.19
CA PRO A 49 -5.35 -23.68 -22.32
C PRO A 49 -4.58 -23.85 -21.04
N ASP A 50 -4.35 -25.10 -20.66
CA ASP A 50 -3.43 -25.43 -19.58
C ASP A 50 -4.10 -25.36 -18.22
N ILE A 51 -5.25 -24.71 -18.11
CA ILE A 51 -5.91 -24.58 -16.82
C ILE A 51 -7.35 -24.97 -17.00
N THR A 52 -7.80 -25.96 -16.24
CA THR A 52 -9.16 -26.44 -16.37
C THR A 52 -9.97 -26.02 -15.15
N LEU A 53 -11.11 -25.41 -15.39
CA LEU A 53 -12.05 -25.07 -14.34
C LEU A 53 -12.90 -26.28 -13.96
N ALA A 54 -13.25 -26.37 -12.68
CA ALA A 54 -14.24 -27.31 -12.20
C ALA A 54 -15.09 -26.61 -11.16
N CYS A 55 -16.26 -27.15 -10.92
CA CYS A 55 -17.27 -26.53 -10.07
C CYS A 55 -17.64 -27.47 -8.95
N VAL A 56 -17.57 -26.98 -7.72
CA VAL A 56 -17.89 -27.77 -6.52
C VAL A 56 -19.03 -27.08 -5.78
N TYR A 57 -20.13 -27.80 -5.60
CA TYR A 57 -21.31 -27.23 -4.96
C TYR A 57 -21.31 -27.41 -3.44
N ARG A 58 -21.68 -26.34 -2.75
CA ARG A 58 -22.06 -26.40 -1.34
C ARG A 58 -23.32 -25.54 -1.19
N SER A 59 -23.94 -25.64 -0.03
CA SER A 59 -25.30 -25.11 0.12
C SER A 59 -25.34 -23.67 0.62
N SER A 60 -24.19 -23.04 0.90
CA SER A 60 -24.19 -21.71 1.51
C SER A 60 -22.81 -21.10 1.42
N THR A 61 -22.77 -19.78 1.60
CA THR A 61 -21.48 -19.09 1.57
C THR A 61 -20.55 -19.70 2.60
N GLU A 62 -21.05 -19.96 3.80
CA GLU A 62 -20.20 -20.46 4.87
C GLU A 62 -19.70 -21.88 4.59
N ASN A 63 -20.51 -22.72 3.94
CA ASN A 63 -20.02 -24.07 3.66
C ASN A 63 -18.95 -24.05 2.58
N CYS A 64 -19.03 -23.09 1.64
CA CYS A 64 -17.95 -22.90 0.69
C CYS A 64 -16.68 -22.42 1.36
N MET A 65 -16.80 -21.46 2.29
CA MET A 65 -15.61 -21.02 3.01
C MET A 65 -14.89 -22.21 3.67
N ALA A 66 -15.66 -23.09 4.32
CA ALA A 66 -15.09 -24.29 4.94
C ALA A 66 -14.49 -25.23 3.90
N ALA A 67 -15.16 -25.38 2.74
CA ALA A 67 -14.60 -26.22 1.67
C ALA A 67 -13.27 -25.69 1.18
N ILE A 68 -13.13 -24.37 1.05
CA ILE A 68 -11.85 -23.84 0.58
C ILE A 68 -10.79 -24.06 1.63
N LYS A 69 -11.13 -23.80 2.89
CA LYS A 69 -10.19 -24.04 3.98
C LYS A 69 -9.73 -25.52 4.00
N ASP A 70 -10.64 -26.45 3.74
CA ASP A 70 -10.29 -27.88 3.74
C ASP A 70 -9.67 -28.36 2.45
N GLY A 71 -9.56 -27.53 1.41
CA GLY A 71 -9.05 -28.05 0.15
C GLY A 71 -10.06 -28.76 -0.73
N GLN A 72 -11.31 -28.83 -0.32
CA GLN A 72 -12.35 -29.33 -1.22
C GLN A 72 -12.56 -28.42 -2.44
N ALA A 73 -12.22 -27.14 -2.33
CA ALA A 73 -12.29 -26.19 -3.43
C ALA A 73 -11.18 -25.16 -3.21
N ASP A 74 -11.01 -24.27 -4.19
CA ASP A 74 -9.89 -23.31 -4.26
C ASP A 74 -10.29 -21.83 -4.20
N ALA A 75 -11.47 -21.46 -4.66
CA ALA A 75 -11.78 -20.03 -4.85
C ALA A 75 -13.28 -19.83 -4.83
N MET A 76 -13.70 -18.67 -4.30
CA MET A 76 -15.05 -18.17 -4.52
C MET A 76 -14.97 -16.66 -4.44
N PHE A 77 -16.03 -16.00 -4.88
CA PHE A 77 -16.16 -14.55 -4.78
C PHE A 77 -16.97 -14.22 -3.53
N LEU A 78 -16.50 -13.26 -2.75
CA LEU A 78 -17.13 -12.93 -1.48
C LEU A 78 -17.43 -11.44 -1.37
N ASP A 79 -18.60 -11.14 -0.83
CA ASP A 79 -18.91 -9.81 -0.33
C ASP A 79 -17.88 -9.40 0.71
N SER A 80 -17.56 -8.09 0.73
CA SER A 80 -16.56 -7.60 1.68
C SER A 80 -16.84 -8.05 3.11
N GLY A 81 -18.12 -8.14 3.50
CA GLY A 81 -18.41 -8.56 4.86
C GLY A 81 -17.92 -9.98 5.14
N ASP A 82 -18.09 -10.88 4.16
CA ASP A 82 -17.60 -12.24 4.25
C ASP A 82 -16.10 -12.33 4.04
N VAL A 83 -15.50 -11.36 3.33
CA VAL A 83 -14.05 -11.32 3.26
C VAL A 83 -13.50 -11.14 4.66
N TYR A 84 -14.13 -10.25 5.44
CA TYR A 84 -13.71 -10.08 6.81
C TYR A 84 -13.88 -11.38 7.61
N LYS A 85 -15.09 -11.93 7.58
CA LYS A 85 -15.37 -13.14 8.35
C LYS A 85 -14.44 -14.29 7.93
N ALA A 86 -14.10 -14.37 6.64
CA ALA A 86 -13.28 -15.46 6.14
C ALA A 86 -11.84 -15.31 6.58
N SER A 87 -11.43 -14.08 6.87
CA SER A 87 -10.07 -13.81 7.31
C SER A 87 -9.79 -14.26 8.74
N LEU A 88 -10.80 -14.57 9.54
CA LEU A 88 -10.55 -14.98 10.92
C LEU A 88 -10.08 -16.43 11.00
N ASP A 89 -9.57 -16.80 12.17
CA ASP A 89 -8.87 -18.09 12.31
C ASP A 89 -9.73 -19.27 11.93
N HIS A 90 -11.06 -19.15 12.04
CA HIS A 90 -11.91 -20.27 11.65
C HIS A 90 -11.65 -20.73 10.21
N TYR A 91 -11.41 -19.80 9.29
CA TYR A 91 -11.31 -20.16 7.87
C TYR A 91 -9.97 -19.84 7.25
N ASN A 92 -9.33 -18.76 7.67
CA ASN A 92 -8.00 -18.35 7.21
C ASN A 92 -7.92 -18.27 5.69
N LEU A 93 -8.85 -17.48 5.10
CA LEU A 93 -8.80 -17.18 3.67
C LEU A 93 -8.38 -15.73 3.51
N LYS A 94 -7.94 -15.38 2.30
CA LYS A 94 -7.54 -14.00 2.05
C LYS A 94 -8.02 -13.58 0.67
N PRO A 95 -8.28 -12.28 0.48
CA PRO A 95 -8.66 -11.76 -0.86
C PRO A 95 -7.45 -11.74 -1.78
N ILE A 96 -7.61 -12.20 -3.01
CA ILE A 96 -6.52 -12.16 -3.98
C ILE A 96 -6.86 -11.39 -5.27
N ILE A 97 -8.12 -11.25 -5.66
CA ILE A 97 -8.48 -10.64 -6.93
C ILE A 97 -9.73 -9.81 -6.73
N ALA A 98 -9.77 -8.62 -7.37
CA ALA A 98 -10.90 -7.72 -7.17
C ALA A 98 -10.98 -6.73 -8.33
N GLU A 99 -12.17 -6.16 -8.52
CA GLU A 99 -12.30 -5.06 -9.53
C GLU A 99 -11.65 -3.76 -9.03
N PRO A 100 -10.66 -3.21 -9.75
CA PRO A 100 -10.12 -1.88 -9.38
C PRO A 100 -11.18 -0.80 -9.25
N TYR A 101 -10.94 0.14 -8.32
CA TYR A 101 -11.82 1.29 -8.16
C TYR A 101 -10.98 2.52 -7.87
N SER A 102 -11.66 3.67 -7.87
CA SER A 102 -11.07 4.99 -7.84
C SER A 102 -11.86 5.85 -6.83
N LEU A 103 -11.17 6.76 -6.17
CA LEU A 103 -11.84 7.63 -5.20
C LEU A 103 -12.07 9.05 -5.71
N HIS A 104 -11.12 9.59 -6.46
CA HIS A 104 -11.18 10.94 -7.01
C HIS A 104 -10.20 11.00 -8.18
N ARG A 105 -10.32 12.07 -8.95
CA ARG A 105 -9.41 12.24 -10.06
C ARG A 105 -8.02 12.46 -9.51
N GLU A 106 -7.02 11.89 -10.17
CA GLU A 106 -5.64 12.07 -9.76
C GLU A 106 -4.83 12.65 -10.91
N LEU A 107 -3.71 13.30 -10.58
CA LEU A 107 -2.68 13.59 -11.57
C LEU A 107 -2.32 12.34 -12.35
N THR A 108 -1.96 12.49 -13.62
CA THR A 108 -1.39 11.35 -14.32
C THR A 108 -0.03 11.01 -13.71
N LYS A 109 0.38 9.75 -13.87
CA LYS A 109 1.66 9.34 -13.34
C LYS A 109 2.81 10.15 -13.92
N CYS A 110 2.79 10.40 -15.24
CA CYS A 110 3.90 11.14 -15.85
C CYS A 110 4.01 12.53 -15.23
N LEU A 111 2.88 13.22 -15.05
CA LEU A 111 2.96 14.56 -14.49
C LEU A 111 3.36 14.53 -13.01
N LYS A 112 2.86 13.56 -12.25
CA LYS A 112 3.35 13.40 -10.87
C LYS A 112 4.84 13.19 -10.87
N HIS A 113 5.31 12.29 -11.73
CA HIS A 113 6.73 12.00 -11.81
C HIS A 113 7.54 13.24 -12.16
N ARG A 114 7.09 14.03 -13.15
CA ARG A 114 7.82 15.25 -13.46
C ARG A 114 7.88 16.15 -12.24
N GLN A 115 6.75 16.33 -11.56
CA GLN A 115 6.72 17.19 -10.38
C GLN A 115 7.72 16.72 -9.32
N GLU A 116 7.73 15.42 -9.00
CA GLU A 116 8.64 14.93 -7.97
C GLU A 116 10.09 15.11 -8.38
N SER A 117 10.43 14.76 -9.62
CA SER A 117 11.85 14.83 -9.99
C SER A 117 12.31 16.28 -10.06
N LEU A 118 11.44 17.16 -10.54
CA LEU A 118 11.76 18.59 -10.54
C LEU A 118 11.86 19.15 -9.12
N GLY A 119 11.23 18.51 -8.14
CA GLY A 119 11.37 18.98 -6.77
C GLY A 119 12.57 18.42 -6.04
N GLY A 120 13.33 17.56 -6.69
CA GLY A 120 14.51 17.01 -6.08
C GLY A 120 15.58 18.04 -5.85
N ASP A 121 16.66 17.59 -5.22
CA ASP A 121 17.77 18.46 -4.80
C ASP A 121 18.49 18.97 -6.03
N LYS A 122 18.40 20.28 -6.27
CA LYS A 122 19.02 20.84 -7.47
C LYS A 122 20.52 20.57 -7.52
N MET A 123 21.17 20.30 -6.37
CA MET A 123 22.60 20.04 -6.35
C MET A 123 22.96 18.65 -6.83
N VAL A 124 22.00 17.73 -6.94
CA VAL A 124 22.23 16.46 -7.61
C VAL A 124 21.92 16.72 -9.08
N LYS A 125 22.96 17.00 -9.88
CA LYS A 125 22.79 17.45 -11.25
C LYS A 125 22.60 16.26 -12.19
N GLY A 126 22.02 16.54 -13.36
CA GLY A 126 21.92 15.52 -14.38
C GLY A 126 20.91 14.41 -14.13
N ARG A 127 19.79 14.69 -13.46
CA ARG A 127 18.83 13.64 -13.19
C ARG A 127 17.82 13.51 -14.33
N TYR A 128 17.23 12.32 -14.45
CA TYR A 128 16.21 12.08 -15.47
C TYR A 128 14.91 12.81 -15.08
N ILE A 129 14.37 13.61 -15.99
CA ILE A 129 13.09 14.30 -15.85
C ILE A 129 12.19 13.78 -16.98
N PRO A 130 11.08 13.08 -16.67
CA PRO A 130 10.29 12.43 -17.73
C PRO A 130 9.69 13.44 -18.70
N GLN A 131 9.37 12.95 -19.89
CA GLN A 131 8.73 13.74 -20.95
C GLN A 131 7.30 13.25 -21.11
N CYS A 132 6.32 14.13 -20.86
CA CYS A 132 4.90 13.82 -20.94
C CYS A 132 4.31 14.52 -22.18
N ASP A 133 3.23 13.97 -22.66
CA ASP A 133 2.57 14.38 -23.89
C ASP A 133 1.36 15.25 -23.57
N GLU A 134 0.61 15.66 -24.62
CA GLU A 134 -0.42 16.67 -24.43
C GLU A 134 -1.60 16.16 -23.62
N LYS A 135 -1.71 14.84 -23.40
CA LYS A 135 -2.67 14.26 -22.46
C LYS A 135 -2.07 14.01 -21.08
N GLY A 136 -0.80 14.31 -20.87
CA GLY A 136 -0.17 14.04 -19.60
C GLY A 136 0.40 12.64 -19.45
N ASN A 137 0.40 11.86 -20.53
CA ASN A 137 0.98 10.52 -20.44
C ASN A 137 2.46 10.54 -20.82
N TYR A 138 3.15 9.42 -20.53
CA TYR A 138 4.54 9.29 -20.94
C TYR A 138 4.61 9.16 -22.45
N HIS A 139 5.43 9.99 -23.10
CA HIS A 139 5.84 9.62 -24.44
C HIS A 139 6.44 8.21 -24.39
N PRO A 140 6.13 7.34 -25.35
CA PRO A 140 6.70 5.99 -25.32
C PRO A 140 8.20 6.00 -25.40
N VAL A 141 8.80 6.98 -26.07
CA VAL A 141 10.26 7.14 -26.07
C VAL A 141 10.60 8.07 -24.93
N GLN A 142 11.41 7.62 -23.99
CA GLN A 142 11.91 8.49 -22.92
C GLN A 142 13.42 8.68 -23.07
N CYS A 143 13.92 9.87 -22.72
CA CYS A 143 15.33 10.18 -22.92
C CYS A 143 15.91 10.86 -21.69
N HIS A 144 17.20 10.70 -21.51
CA HIS A 144 17.92 11.24 -20.37
C HIS A 144 18.85 12.31 -20.89
N ALA A 145 18.52 13.57 -20.60
CA ALA A 145 19.17 14.70 -21.27
C ALA A 145 20.69 14.66 -21.11
N SER A 146 21.15 14.56 -19.87
CA SER A 146 22.57 14.65 -19.59
C SER A 146 23.36 13.42 -20.06
N THR A 147 22.72 12.31 -20.43
CA THR A 147 23.48 11.17 -20.92
C THR A 147 23.20 10.82 -22.38
N GLY A 148 22.20 11.43 -23.01
CA GLY A 148 21.87 11.09 -24.38
C GLY A 148 21.22 9.74 -24.59
N TYR A 149 20.96 8.98 -23.53
CA TYR A 149 20.32 7.68 -23.65
C TYR A 149 18.80 7.83 -23.76
N CYS A 150 18.18 6.99 -24.60
CA CYS A 150 16.74 6.91 -24.73
C CYS A 150 16.32 5.46 -24.58
N TRP A 151 15.05 5.24 -24.25
CA TRP A 151 14.54 3.86 -24.10
C TRP A 151 13.03 3.91 -24.26
N CYS A 152 12.41 2.72 -24.35
CA CYS A 152 10.95 2.62 -24.44
C CYS A 152 10.38 2.44 -23.04
N VAL A 153 9.14 2.91 -22.84
CA VAL A 153 8.47 2.73 -21.56
C VAL A 153 7.07 2.17 -21.79
N ASN A 154 6.55 1.49 -20.75
CA ASN A 154 5.14 1.09 -20.74
C ASN A 154 4.30 2.28 -20.26
N ALA A 155 2.98 2.10 -20.18
CA ALA A 155 2.12 3.24 -19.81
C ALA A 155 2.44 3.75 -18.41
N ASN A 156 2.98 2.90 -17.55
CA ASN A 156 3.43 3.33 -16.23
C ASN A 156 4.77 4.06 -16.26
N GLY A 157 5.38 4.28 -17.43
CA GLY A 157 6.67 4.96 -17.42
C GLY A 157 7.84 4.10 -16.99
N GLU A 158 7.65 2.79 -16.87
CA GLU A 158 8.72 1.90 -16.49
C GLU A 158 9.49 1.47 -17.75
N LYS A 159 10.82 1.51 -17.68
CA LYS A 159 11.64 1.14 -18.83
C LYS A 159 11.32 -0.27 -19.33
N ILE A 160 11.16 -0.44 -20.63
CA ILE A 160 11.19 -1.77 -21.25
C ILE A 160 12.64 -2.21 -21.27
N GLU A 161 13.01 -3.19 -20.43
CA GLU A 161 14.41 -3.57 -20.33
C GLU A 161 14.96 -4.05 -21.68
N GLY A 162 16.18 -3.63 -21.99
CA GLY A 162 16.79 -4.01 -23.25
C GLY A 162 16.45 -3.13 -24.43
N THR A 163 15.90 -1.93 -24.21
CA THR A 163 15.60 -1.02 -25.32
C THR A 163 16.47 0.22 -25.25
N ASN A 164 17.40 0.29 -24.29
CA ASN A 164 18.32 1.42 -24.22
C ASN A 164 19.08 1.57 -25.53
N THR A 165 19.13 2.79 -26.07
CA THR A 165 19.98 3.12 -27.20
C THR A 165 20.81 4.34 -26.84
N THR A 166 22.01 4.42 -27.41
CA THR A 166 22.98 5.41 -27.01
C THR A 166 22.85 6.65 -27.86
N PRO A 167 23.46 7.76 -27.45
CA PRO A 167 23.35 9.00 -28.25
C PRO A 167 23.92 8.84 -29.66
N VAL A 168 24.98 8.03 -29.82
CA VAL A 168 25.52 7.71 -31.14
C VAL A 168 24.41 7.19 -32.06
N GLN A 169 23.43 6.48 -31.51
CA GLN A 169 22.32 5.95 -32.28
C GLN A 169 21.14 6.93 -32.28
N THR A 170 20.21 6.70 -33.19
CA THR A 170 18.96 7.44 -33.19
C THR A 170 17.99 6.86 -32.17
N PRO A 171 17.02 7.66 -31.72
CA PRO A 171 16.13 7.20 -30.66
C PRO A 171 15.38 5.96 -31.08
N PRO A 172 15.08 5.05 -30.15
CA PRO A 172 14.48 3.78 -30.53
C PRO A 172 13.07 3.99 -31.07
N THR A 173 12.62 2.97 -31.79
CA THR A 173 11.24 2.86 -32.22
C THR A 173 10.43 2.15 -31.13
N CYS A 174 9.44 2.83 -30.59
CA CYS A 174 8.72 2.28 -29.45
C CYS A 174 7.25 2.14 -29.78
N PRO A 175 6.64 1.01 -29.42
CA PRO A 175 5.21 0.82 -29.70
C PRO A 175 4.37 1.93 -29.08
N SER A 176 3.32 2.32 -29.79
CA SER A 176 2.41 3.32 -29.27
C SER A 176 1.84 2.88 -27.93
N GLN A 177 1.47 3.84 -27.10
CA GLN A 177 0.90 3.52 -25.79
C GLN A 177 -0.43 2.80 -25.97
N VAL A 178 -0.77 1.97 -24.98
CA VAL A 178 -2.08 1.31 -25.02
C VAL A 178 -3.16 2.37 -24.94
N LEU A 179 -4.26 2.13 -25.67
CA LEU A 179 -5.37 3.06 -25.68
C LEU A 179 -6.10 3.08 -24.33
N THR A 180 -6.85 4.16 -24.12
CA THR A 180 -7.73 4.25 -22.96
C THR A 180 -8.81 3.18 -23.05
N LYS A 181 -9.48 2.97 -21.91
CA LYS A 181 -10.58 2.01 -21.90
C LYS A 181 -11.58 2.34 -22.98
N CYS A 182 -12.00 3.62 -23.04
CA CYS A 182 -13.04 4.04 -23.98
C CYS A 182 -12.60 3.81 -25.43
N LEU A 183 -11.39 4.25 -25.78
CA LEU A 183 -10.93 4.09 -27.16
C LEU A 183 -10.67 2.64 -27.47
N LYS A 184 -10.16 1.87 -26.50
CA LYS A 184 -10.06 0.44 -26.69
C LYS A 184 -11.43 -0.19 -26.89
N GLU A 185 -12.40 0.16 -26.03
CA GLU A 185 -13.74 -0.40 -26.17
C GLU A 185 -14.39 0.04 -27.46
N ARG A 186 -14.10 1.26 -27.91
CA ARG A 186 -14.58 1.72 -29.21
C ARG A 186 -14.02 0.86 -30.34
N GLN A 187 -12.69 0.67 -30.36
CA GLN A 187 -12.10 -0.16 -31.39
C GLN A 187 -12.61 -1.60 -31.32
N GLU A 188 -12.63 -2.19 -30.12
CA GLU A 188 -13.17 -3.54 -29.98
C GLU A 188 -14.62 -3.64 -30.47
N ALA A 189 -15.46 -2.66 -30.14
CA ALA A 189 -16.85 -2.71 -30.61
C ALA A 189 -16.91 -2.63 -32.13
N LEU A 190 -16.05 -1.81 -32.74
CA LEU A 190 -15.90 -1.83 -34.20
C LEU A 190 -15.33 -3.15 -34.71
N GLY A 191 -14.58 -3.88 -33.88
CA GLY A 191 -14.11 -5.22 -34.18
C GLY A 191 -13.63 -5.46 -35.60
N GLY A 192 -12.86 -4.52 -36.14
CA GLY A 192 -12.34 -4.59 -37.49
C GLY A 192 -13.20 -3.89 -38.53
N LYS A 193 -14.52 -4.03 -38.44
CA LYS A 193 -15.45 -3.46 -39.42
C LYS A 193 -15.47 -1.93 -39.33
N ARG A 194 -16.20 -1.32 -40.27
CA ARG A 194 -16.37 0.13 -40.37
C ARG A 194 -17.33 0.70 -39.34
N ILE A 195 -18.27 -0.11 -38.85
CA ILE A 195 -19.18 0.27 -37.77
C ILE A 195 -19.88 -1.01 -37.30
N ALA A 196 -19.91 -1.22 -35.98
CA ALA A 196 -20.78 -2.25 -35.43
C ALA A 196 -22.21 -1.74 -35.56
N ILE A 197 -22.84 -2.06 -36.70
CA ILE A 197 -24.18 -1.57 -36.99
C ILE A 197 -25.16 -2.17 -36.00
N GLY A 198 -26.02 -1.32 -35.44
CA GLY A 198 -27.01 -1.77 -34.47
C GLY A 198 -26.47 -2.14 -33.11
N ARG A 199 -25.21 -1.85 -32.83
CA ARG A 199 -24.63 -2.17 -31.53
C ARG A 199 -24.13 -0.87 -30.89
N TYR A 200 -24.10 -0.88 -29.57
CA TYR A 200 -23.57 0.26 -28.84
C TYR A 200 -22.09 0.45 -29.13
N ILE A 201 -21.71 1.67 -29.47
CA ILE A 201 -20.32 2.05 -29.63
C ILE A 201 -20.05 3.21 -28.67
N PRO A 202 -19.16 3.06 -27.70
CA PRO A 202 -18.94 4.12 -26.72
C PRO A 202 -18.54 5.44 -27.39
N GLN A 203 -18.95 6.55 -26.80
CA GLN A 203 -18.53 7.88 -27.25
C GLN A 203 -17.51 8.45 -26.27
N CYS A 204 -16.33 8.85 -26.79
CA CYS A 204 -15.20 9.26 -25.96
C CYS A 204 -14.93 10.76 -26.08
N ASP A 205 -14.32 11.35 -25.02
CA ASP A 205 -13.92 12.76 -25.05
C ASP A 205 -12.50 12.92 -25.60
N GLU A 206 -11.97 14.14 -25.57
CA GLU A 206 -10.67 14.37 -26.20
C GLU A 206 -9.55 13.70 -25.40
N GLN A 207 -9.62 13.75 -24.08
CA GLN A 207 -8.69 13.01 -23.25
C GLN A 207 -8.83 11.49 -23.37
N GLY A 208 -9.81 11.01 -24.16
CA GLY A 208 -10.06 9.59 -24.30
C GLY A 208 -10.81 8.94 -23.15
N ASN A 209 -11.46 9.73 -22.30
CA ASN A 209 -12.36 9.19 -21.29
C ASN A 209 -13.79 9.17 -21.85
N TYR A 210 -14.68 8.48 -21.13
CA TYR A 210 -16.05 8.39 -21.59
C TYR A 210 -16.74 9.74 -21.47
N ARG A 211 -17.38 10.18 -22.55
CA ARG A 211 -18.32 11.28 -22.43
C ARG A 211 -19.35 10.95 -21.33
N PRO A 212 -19.74 11.93 -20.52
CA PRO A 212 -20.70 11.65 -19.44
C PRO A 212 -22.01 11.06 -19.92
N MET A 213 -22.60 11.61 -20.98
CA MET A 213 -23.79 11.01 -21.57
C MET A 213 -23.43 10.05 -22.68
N GLN A 214 -23.98 8.82 -22.63
CA GLN A 214 -23.79 7.83 -23.68
C GLN A 214 -25.15 7.56 -24.29
N CYS A 215 -25.18 7.31 -25.59
CA CYS A 215 -26.44 6.95 -26.25
C CYS A 215 -26.25 5.74 -27.12
N HIS A 216 -27.28 4.92 -27.20
CA HIS A 216 -27.25 3.73 -28.07
C HIS A 216 -27.67 4.19 -29.46
N GLY A 217 -26.80 3.96 -30.46
CA GLY A 217 -27.04 4.47 -31.78
C GLY A 217 -28.16 3.80 -32.56
N SER A 218 -28.77 2.75 -32.04
CA SER A 218 -29.88 2.11 -32.71
C SER A 218 -31.18 2.14 -31.92
N THR A 219 -31.13 2.00 -30.61
CA THR A 219 -32.37 2.04 -29.84
C THR A 219 -32.80 3.46 -29.46
N GLY A 220 -31.91 4.43 -29.52
CA GLY A 220 -32.23 5.77 -29.08
C GLY A 220 -32.15 6.02 -27.58
N TYR A 221 -31.87 4.99 -26.78
CA TYR A 221 -31.72 5.17 -25.34
C TYR A 221 -30.45 5.96 -25.05
N CYS A 222 -30.50 6.71 -23.95
CA CYS A 222 -29.34 7.45 -23.42
C CYS A 222 -29.27 7.25 -21.92
N TRP A 223 -28.05 7.31 -21.38
CA TRP A 223 -27.84 7.15 -19.94
C TRP A 223 -26.54 7.86 -19.58
N CYS A 224 -26.22 7.88 -18.29
CA CYS A 224 -24.98 8.51 -17.84
C CYS A 224 -23.98 7.43 -17.46
N VAL A 225 -22.68 7.76 -17.65
CA VAL A 225 -21.61 6.93 -17.12
C VAL A 225 -20.61 7.83 -16.37
N ASN A 226 -19.83 7.20 -15.49
CA ASN A 226 -18.74 7.95 -14.86
C ASN A 226 -17.51 7.93 -15.77
N ALA A 227 -16.40 8.53 -15.31
CA ALA A 227 -15.29 8.80 -16.22
C ALA A 227 -14.65 7.52 -16.76
N ILE A 228 -14.78 6.41 -16.03
CA ILE A 228 -14.28 5.13 -16.50
C ILE A 228 -15.40 4.27 -17.10
N GLY A 229 -16.52 4.86 -17.46
CA GLY A 229 -17.47 4.11 -18.25
C GLY A 229 -18.46 3.27 -17.47
N GLU A 230 -18.50 3.35 -16.14
CA GLU A 230 -19.52 2.57 -15.42
C GLU A 230 -20.85 3.32 -15.47
N LYS A 231 -21.95 2.59 -15.68
CA LYS A 231 -23.26 3.22 -15.80
C LYS A 231 -23.70 3.76 -14.45
N ILE A 232 -24.35 4.92 -14.48
CA ILE A 232 -24.97 5.50 -13.30
C ILE A 232 -26.39 4.96 -13.24
N GLU A 233 -26.73 4.28 -12.15
CA GLU A 233 -28.07 3.71 -12.14
C GLU A 233 -29.12 4.83 -12.05
N GLY A 234 -30.34 4.52 -12.46
CA GLY A 234 -31.40 5.50 -12.45
C GLY A 234 -31.31 6.56 -13.53
N THR A 235 -30.52 6.35 -14.59
CA THR A 235 -30.38 7.39 -15.60
C THR A 235 -30.77 6.89 -16.99
N ASN A 236 -31.14 5.62 -17.13
CA ASN A 236 -31.40 5.09 -18.48
C ASN A 236 -32.71 5.67 -19.01
N THR A 237 -32.67 6.23 -20.21
CA THR A 237 -33.77 7.07 -20.70
C THR A 237 -34.18 6.64 -22.09
N PRO A 238 -35.41 6.21 -22.30
CA PRO A 238 -35.83 5.80 -23.63
C PRO A 238 -35.95 7.01 -24.54
N PRO A 239 -35.88 6.81 -25.85
CA PRO A 239 -35.96 7.95 -26.76
C PRO A 239 -37.28 8.68 -26.57
N GLY A 240 -37.24 9.98 -26.76
CA GLY A 240 -38.42 10.80 -26.62
C GLY A 240 -38.65 11.33 -25.22
N ASN A 241 -37.78 11.03 -24.26
CA ASN A 241 -37.86 11.60 -22.94
C ASN A 241 -36.70 12.55 -22.70
N THR A 242 -36.90 13.51 -21.79
CA THR A 242 -35.89 14.54 -21.56
C THR A 242 -34.54 13.88 -21.22
N GLN A 243 -33.50 14.32 -21.91
CA GLN A 243 -32.17 13.75 -21.74
C GLN A 243 -31.79 13.70 -20.25
N PRO A 244 -31.04 12.69 -19.81
CA PRO A 244 -30.62 12.67 -18.40
C PRO A 244 -29.58 13.73 -18.11
N THR A 245 -29.46 14.11 -16.82
CA THR A 245 -28.45 15.12 -16.41
C THR A 245 -27.23 14.39 -15.87
N CYS A 246 -26.12 14.45 -16.59
CA CYS A 246 -24.96 13.61 -16.30
C CYS A 246 -23.81 14.46 -15.76
N GLN A 247 -23.20 14.01 -14.67
CA GLN A 247 -22.10 14.71 -14.02
C GLN A 247 -20.80 14.43 -14.78
N SER A 248 -20.01 15.48 -15.00
CA SER A 248 -18.72 15.26 -15.63
C SER A 248 -17.63 15.03 -14.57
N HIS A 249 -16.49 14.50 -15.02
CA HIS A 249 -15.33 14.20 -14.19
C HIS A 249 -15.69 13.41 -12.93
N ASP A 250 -16.52 12.40 -13.11
CA ASP A 250 -16.92 11.57 -11.98
C ASP A 250 -15.93 10.42 -11.85
N TRP A 251 -14.99 10.56 -10.90
CA TRP A 251 -13.98 9.55 -10.64
C TRP A 251 -14.23 8.83 -9.31
N ASP A 252 -15.41 9.00 -8.72
CA ASP A 252 -15.73 8.33 -7.46
C ASP A 252 -16.45 7.03 -7.77
N THR A 253 -15.70 5.94 -7.93
CA THR A 253 -16.34 4.70 -8.37
C THR A 253 -16.50 3.67 -7.22
N CYS A 254 -16.40 4.10 -5.97
CA CYS A 254 -16.75 3.23 -4.85
C CYS A 254 -18.24 2.90 -4.92
N HIS A 255 -18.62 1.72 -4.45
CA HIS A 255 -20.03 1.37 -4.32
C HIS A 255 -20.60 1.95 -3.03
N TYR A 256 -21.90 2.21 -3.05
CA TYR A 256 -22.62 2.86 -1.96
C TYR A 256 -23.74 1.93 -1.48
N ALA A 257 -23.81 1.69 -0.17
CA ALA A 257 -24.98 1.08 0.43
C ALA A 257 -26.15 2.04 0.37
N VAL A 258 -27.33 1.54 -0.01
CA VAL A 258 -28.52 2.37 -0.13
C VAL A 258 -29.70 1.63 0.44
N ALA A 259 -30.69 2.40 0.89
CA ALA A 259 -32.01 1.89 1.27
C ALA A 259 -32.99 2.26 0.16
N VAL A 260 -33.58 1.26 -0.49
CA VAL A 260 -34.50 1.52 -1.61
C VAL A 260 -35.92 1.26 -1.14
N VAL A 261 -36.84 2.16 -1.51
CA VAL A 261 -38.26 2.10 -1.14
C VAL A 261 -39.11 2.35 -2.38
N LYS A 262 -40.41 2.10 -2.27
CA LYS A 262 -41.34 2.44 -3.35
C LYS A 262 -41.90 3.84 -3.10
N ASN A 263 -42.23 4.56 -4.18
CA ASN A 263 -42.74 5.91 -3.97
C ASN A 263 -44.20 5.93 -3.46
N SER A 264 -44.83 4.77 -3.36
CA SER A 264 -46.20 4.68 -2.85
C SER A 264 -46.27 4.70 -1.33
N SER A 265 -45.15 4.46 -0.64
CA SER A 265 -45.07 4.56 0.82
C SER A 265 -44.62 5.97 1.18
N THR A 266 -44.71 6.33 2.46
CA THR A 266 -44.38 7.70 2.83
C THR A 266 -43.51 7.85 4.09
N PHE A 267 -43.15 6.76 4.75
CA PHE A 267 -42.33 6.90 5.94
C PHE A 267 -40.91 7.33 5.58
N GLN A 268 -40.22 7.89 6.56
CA GLN A 268 -38.83 8.30 6.41
C GLN A 268 -37.92 7.34 7.15
N PHE A 269 -36.62 7.52 6.94
CA PHE A 269 -35.64 6.61 7.51
C PHE A 269 -35.78 6.48 9.03
N GLY A 270 -36.00 7.59 9.72
CA GLY A 270 -36.13 7.57 11.16
C GLY A 270 -37.41 6.93 11.67
N GLN A 271 -38.31 6.51 10.78
CA GLN A 271 -39.55 5.83 11.14
C GLN A 271 -39.51 4.37 10.77
N LEU A 272 -38.32 3.78 10.64
CA LEU A 272 -38.23 2.39 10.20
C LEU A 272 -38.69 1.39 11.25
N LYS A 273 -38.73 1.79 12.52
CA LYS A 273 -39.08 0.84 13.56
C LYS A 273 -40.43 0.22 13.24
N GLY A 274 -40.48 -1.11 13.23
CA GLY A 274 -41.71 -1.81 13.00
C GLY A 274 -42.05 -2.09 11.55
N LYS A 275 -41.21 -1.66 10.60
CA LYS A 275 -41.48 -1.94 9.21
C LYS A 275 -40.99 -3.34 8.83
N ARG A 276 -41.37 -3.79 7.63
CA ARG A 276 -40.85 -5.02 7.04
C ARG A 276 -39.65 -4.70 6.13
N SER A 277 -38.59 -5.51 6.20
CA SER A 277 -37.40 -5.16 5.44
C SER A 277 -36.82 -6.37 4.71
N CYS A 278 -36.14 -6.06 3.61
CA CYS A 278 -35.43 -7.03 2.79
C CYS A 278 -33.96 -6.67 2.80
N HIS A 279 -33.12 -7.61 3.20
CA HIS A 279 -31.69 -7.35 3.28
C HIS A 279 -30.96 -8.30 2.35
N SER A 280 -29.83 -7.85 1.78
CA SER A 280 -29.09 -8.76 0.91
C SER A 280 -28.61 -9.98 1.68
N GLY A 281 -28.20 -9.78 2.94
CA GLY A 281 -27.91 -10.98 3.76
C GLY A 281 -27.29 -10.61 5.09
N LEU A 282 -27.38 -11.51 6.07
CA LEU A 282 -26.84 -11.25 7.39
C LEU A 282 -25.38 -10.89 7.34
N SER A 283 -24.62 -11.52 6.47
CA SER A 283 -23.18 -11.26 6.51
C SER A 283 -22.72 -10.20 5.52
N LYS A 284 -23.62 -9.57 4.75
CA LYS A 284 -23.25 -8.60 3.71
C LYS A 284 -23.02 -7.19 4.26
N THR A 285 -22.01 -6.51 3.76
CA THR A 285 -21.78 -5.16 4.28
C THR A 285 -22.95 -4.24 3.91
N ASP A 286 -23.43 -4.31 2.64
CA ASP A 286 -24.54 -3.42 2.23
C ASP A 286 -25.87 -3.86 2.83
N GLY A 287 -26.03 -5.13 3.15
CA GLY A 287 -27.30 -5.57 3.72
C GLY A 287 -27.37 -5.61 5.23
N TRP A 288 -26.23 -5.50 5.92
CA TRP A 288 -26.20 -5.62 7.37
C TRP A 288 -25.33 -4.57 8.02
N ASN A 289 -24.02 -4.64 7.81
CA ASN A 289 -23.13 -3.69 8.47
C ASN A 289 -23.53 -2.23 8.24
N ALA A 290 -23.71 -1.83 6.98
CA ALA A 290 -23.98 -0.41 6.73
C ALA A 290 -25.28 0.03 7.36
N PRO A 291 -26.42 -0.62 7.11
CA PRO A 291 -27.65 -0.18 7.81
C PRO A 291 -27.52 -0.25 9.33
N VAL A 292 -27.06 -1.37 9.87
CA VAL A 292 -26.97 -1.49 11.33
C VAL A 292 -26.11 -0.38 11.90
N ASN A 293 -24.97 -0.10 11.27
CA ASN A 293 -24.12 0.99 11.75
C ASN A 293 -24.92 2.28 11.84
N VAL A 294 -25.76 2.55 10.84
CA VAL A 294 -26.51 3.80 10.86
C VAL A 294 -27.61 3.74 11.93
N PHE A 295 -28.32 2.61 12.01
CA PHE A 295 -29.29 2.45 13.10
C PHE A 295 -28.68 2.77 14.46
N VAL A 296 -27.45 2.30 14.70
CA VAL A 296 -26.82 2.50 16.01
C VAL A 296 -26.43 3.95 16.20
N GLU A 297 -25.95 4.60 15.14
CA GLU A 297 -25.51 5.99 15.27
C GLU A 297 -26.70 6.90 15.48
N LYS A 298 -27.83 6.60 14.85
CA LYS A 298 -29.03 7.39 15.03
C LYS A 298 -29.76 7.02 16.32
N LYS A 299 -29.33 6.01 17.04
CA LYS A 299 -30.05 5.53 18.22
C LYS A 299 -31.43 4.98 17.89
N LEU A 300 -31.65 4.51 16.66
CA LEU A 300 -32.93 3.86 16.36
C LEU A 300 -33.00 2.49 16.98
N LEU A 301 -31.85 1.85 17.16
CA LEU A 301 -31.74 0.58 17.86
C LEU A 301 -31.32 0.87 19.29
N PRO A 302 -32.08 0.44 20.30
CA PRO A 302 -31.53 0.41 21.66
C PRO A 302 -30.43 -0.61 21.76
N TRP A 303 -29.19 -0.19 21.54
CA TRP A 303 -28.05 -1.10 21.60
C TRP A 303 -26.78 -0.29 21.45
N ASP A 304 -25.77 -0.62 22.25
CA ASP A 304 -24.47 0.06 22.12
C ASP A 304 -23.31 -0.92 22.17
N GLY A 305 -23.43 -1.97 22.98
CA GLY A 305 -22.36 -2.93 23.14
C GLY A 305 -22.91 -4.32 23.43
N LEU A 306 -22.00 -5.30 23.38
CA LEU A 306 -22.37 -6.70 23.56
C LEU A 306 -23.02 -6.98 24.91
N ALA A 307 -23.08 -5.98 25.81
CA ALA A 307 -23.74 -6.16 27.10
C ALA A 307 -25.26 -6.21 26.97
N LYS A 308 -25.82 -5.59 25.93
CA LYS A 308 -27.25 -5.57 25.69
C LYS A 308 -27.74 -6.77 24.89
N GLY A 309 -26.86 -7.70 24.54
CA GLY A 309 -27.19 -8.84 23.70
C GLY A 309 -26.47 -8.77 22.36
N SER A 310 -26.96 -9.57 21.43
CA SER A 310 -26.38 -9.59 20.10
C SER A 310 -27.08 -8.54 19.23
N ILE A 311 -26.34 -8.04 18.23
CA ILE A 311 -26.93 -7.06 17.32
C ILE A 311 -28.15 -7.66 16.65
N GLU A 312 -28.02 -8.90 16.18
CA GLU A 312 -29.13 -9.53 15.47
C GLU A 312 -30.39 -9.55 16.31
N ARG A 313 -30.27 -9.80 17.62
CA ARG A 313 -31.44 -9.83 18.49
C ARG A 313 -32.10 -8.47 18.56
N ALA A 314 -31.29 -7.42 18.74
CA ALA A 314 -31.82 -6.06 18.73
C ALA A 314 -32.51 -5.74 17.41
N VAL A 315 -31.91 -6.16 16.29
CA VAL A 315 -32.57 -5.95 15.00
C VAL A 315 -33.88 -6.71 14.94
N SER A 316 -33.97 -7.89 15.60
CA SER A 316 -35.22 -8.64 15.60
C SER A 316 -36.33 -7.87 16.30
N LYS A 317 -36.00 -7.05 17.29
CA LYS A 317 -36.99 -6.23 17.98
C LYS A 317 -37.36 -4.99 17.18
N PHE A 318 -36.48 -4.52 16.31
CA PHE A 318 -36.68 -3.27 15.56
C PHE A 318 -37.72 -3.44 14.45
N PHE A 319 -37.47 -4.38 13.53
CA PHE A 319 -38.37 -4.69 12.43
C PHE A 319 -39.43 -5.70 12.86
N SER A 320 -40.62 -5.61 12.26
CA SER A 320 -41.64 -6.60 12.56
C SER A 320 -41.30 -7.95 11.91
N ALA A 321 -41.09 -7.94 10.59
CA ALA A 321 -40.70 -9.13 9.84
C ALA A 321 -39.74 -8.71 8.73
N SER A 322 -38.71 -9.52 8.49
CA SER A 322 -37.73 -9.22 7.46
C SER A 322 -37.36 -10.49 6.72
N CYS A 323 -36.58 -10.34 5.64
CA CYS A 323 -35.82 -11.43 5.05
C CYS A 323 -34.36 -11.06 5.10
N ILE A 324 -33.59 -11.75 5.94
CA ILE A 324 -32.17 -11.48 6.12
C ILE A 324 -31.41 -12.80 5.97
N PRO A 325 -31.09 -13.20 4.74
CA PRO A 325 -30.52 -14.53 4.55
C PRO A 325 -29.35 -14.81 5.48
N GLY A 326 -29.42 -15.98 6.12
CA GLY A 326 -28.45 -16.35 7.12
C GLY A 326 -28.84 -16.04 8.55
N ALA A 327 -29.96 -15.35 8.79
CA ALA A 327 -30.27 -15.05 10.18
C ALA A 327 -30.83 -16.29 10.87
N THR A 328 -30.78 -16.28 12.19
CA THR A 328 -31.41 -17.33 12.99
C THR A 328 -32.72 -16.89 13.63
N GLU A 329 -32.82 -15.67 14.15
CA GLU A 329 -34.08 -15.19 14.71
C GLU A 329 -35.20 -15.39 13.68
N THR A 330 -36.39 -15.77 14.17
CA THR A 330 -37.43 -16.27 13.30
C THR A 330 -38.06 -15.17 12.47
N ASN A 331 -38.35 -14.03 13.09
CA ASN A 331 -39.03 -12.98 12.34
C ASN A 331 -38.12 -12.39 11.27
N LEU A 332 -36.80 -12.48 11.45
CA LEU A 332 -35.83 -12.03 10.46
C LEU A 332 -35.69 -12.98 9.29
N CYS A 333 -36.29 -14.16 9.36
CA CYS A 333 -36.45 -15.03 8.19
C CYS A 333 -37.88 -15.09 7.71
N LYS A 334 -38.80 -14.40 8.39
CA LYS A 334 -40.21 -14.57 8.11
C LYS A 334 -40.56 -14.23 6.67
N GLN A 335 -39.90 -13.23 6.10
CA GLN A 335 -40.30 -12.77 4.78
C GLN A 335 -39.61 -13.52 3.65
N CYS A 336 -38.57 -14.32 3.92
CA CYS A 336 -37.90 -15.07 2.85
C CYS A 336 -38.87 -16.11 2.26
N ILE A 337 -38.55 -16.63 1.07
CA ILE A 337 -39.46 -17.54 0.36
C ILE A 337 -38.77 -18.78 -0.20
N GLY A 338 -37.58 -19.11 0.30
CA GLY A 338 -36.96 -20.36 -0.10
C GLY A 338 -37.77 -21.56 0.36
N GLU A 339 -37.74 -22.62 -0.45
CA GLU A 339 -38.53 -23.83 -0.15
C GLU A 339 -37.79 -24.70 0.84
N GLU A 340 -38.49 -25.11 1.89
CA GLU A 340 -38.02 -26.18 2.78
C GLU A 340 -36.73 -25.68 3.40
N GLU A 341 -35.66 -26.48 3.42
CA GLU A 341 -34.43 -26.07 4.08
C GLU A 341 -33.73 -24.92 3.37
N LYS A 342 -34.14 -24.57 2.16
CA LYS A 342 -33.53 -23.45 1.43
C LYS A 342 -33.95 -22.09 1.99
N LYS A 343 -35.08 -22.02 2.71
CA LYS A 343 -35.56 -20.77 3.27
C LYS A 343 -34.48 -20.06 4.07
N CYS A 344 -34.16 -18.83 3.67
CA CYS A 344 -33.31 -17.96 4.47
C CYS A 344 -31.86 -18.41 4.47
N LYS A 345 -31.48 -19.23 3.49
CA LYS A 345 -30.08 -19.56 3.27
C LYS A 345 -29.30 -18.43 2.58
N SER A 346 -28.05 -18.26 2.98
CA SER A 346 -27.10 -17.45 2.24
C SER A 346 -26.81 -18.11 0.91
N SER A 347 -27.79 -18.11 0.01
CA SER A 347 -27.59 -18.84 -1.21
C SER A 347 -28.69 -18.42 -2.18
N HIS A 348 -28.37 -18.46 -3.48
CA HIS A 348 -29.41 -18.13 -4.45
C HIS A 348 -30.57 -19.12 -4.43
N ASP A 349 -30.39 -20.32 -3.87
CA ASP A 349 -31.54 -21.19 -3.71
C ASP A 349 -32.62 -20.49 -2.90
N GLU A 350 -32.27 -19.42 -2.16
CA GLU A 350 -33.26 -18.55 -1.53
C GLU A 350 -33.56 -17.38 -2.47
N PRO A 351 -34.76 -17.27 -3.07
CA PRO A 351 -34.92 -16.25 -4.12
C PRO A 351 -34.64 -14.82 -3.67
N TYR A 352 -34.78 -14.49 -2.39
CA TYR A 352 -34.55 -13.14 -1.92
C TYR A 352 -33.13 -12.92 -1.42
N TYR A 353 -32.20 -13.85 -1.70
CA TYR A 353 -30.81 -13.70 -1.30
C TYR A 353 -30.08 -12.68 -2.18
N GLY A 354 -29.18 -11.91 -1.57
CA GLY A 354 -28.31 -11.04 -2.34
C GLY A 354 -29.00 -9.72 -2.72
N ASP A 355 -28.21 -8.85 -3.38
CA ASP A 355 -28.70 -7.53 -3.74
C ASP A 355 -29.97 -7.61 -4.57
N HIS A 356 -29.96 -8.40 -5.63
CA HIS A 356 -31.16 -8.48 -6.47
C HIS A 356 -32.28 -9.23 -5.79
N GLY A 357 -31.94 -10.15 -4.88
CA GLY A 357 -32.99 -10.84 -4.14
C GLY A 357 -33.69 -9.90 -3.19
N ALA A 358 -32.94 -9.01 -2.53
CA ALA A 358 -33.61 -8.08 -1.64
C ALA A 358 -34.42 -7.09 -2.45
N PHE A 359 -33.92 -6.68 -3.63
CA PHE A 359 -34.76 -5.81 -4.45
C PHE A 359 -36.03 -6.53 -4.88
N ARG A 360 -35.91 -7.79 -5.29
CA ARG A 360 -37.08 -8.59 -5.63
C ARG A 360 -38.07 -8.65 -4.46
N CYS A 361 -37.56 -8.81 -3.24
CA CYS A 361 -38.41 -8.85 -2.06
C CYS A 361 -39.18 -7.55 -1.87
N LEU A 362 -38.55 -6.39 -2.13
CA LEU A 362 -39.29 -5.12 -2.14
C LEU A 362 -40.30 -5.10 -3.29
N GLN A 363 -39.85 -5.48 -4.48
CA GLN A 363 -40.71 -5.37 -5.64
C GLN A 363 -41.97 -6.20 -5.50
N GLU A 364 -41.87 -7.35 -4.82
CA GLU A 364 -43.01 -8.24 -4.63
C GLU A 364 -43.78 -7.93 -3.36
N ASP A 365 -43.38 -6.88 -2.64
CA ASP A 365 -44.09 -6.31 -1.49
C ASP A 365 -44.03 -7.19 -0.26
N LYS A 366 -42.98 -8.00 -0.17
CA LYS A 366 -42.67 -8.66 1.10
C LYS A 366 -41.95 -7.73 2.06
N GLY A 367 -41.38 -6.64 1.58
CA GLY A 367 -40.74 -5.68 2.47
C GLY A 367 -41.19 -4.28 2.12
N ASP A 368 -40.98 -3.37 3.06
CA ASP A 368 -41.21 -1.94 2.82
C ASP A 368 -39.93 -1.20 2.39
N VAL A 369 -38.78 -1.79 2.63
CA VAL A 369 -37.50 -1.17 2.32
C VAL A 369 -36.54 -2.31 2.01
N ALA A 370 -35.65 -2.13 1.03
CA ALA A 370 -34.59 -3.10 0.77
C ALA A 370 -33.22 -2.46 0.99
N PHE A 371 -32.30 -3.22 1.59
CA PHE A 371 -30.94 -2.73 1.85
C PHE A 371 -29.97 -3.46 0.92
N LEU A 372 -29.35 -2.71 0.02
CA LEU A 372 -28.47 -3.26 -1.01
C LEU A 372 -27.51 -2.13 -1.40
N LYS A 373 -26.93 -2.20 -2.59
CA LYS A 373 -25.98 -1.17 -2.97
C LYS A 373 -26.35 -0.61 -4.35
N ASN A 374 -25.73 0.53 -4.70
CA ASN A 374 -26.21 1.27 -5.87
C ASN A 374 -26.17 0.42 -7.14
N THR A 375 -25.23 -0.54 -7.23
CA THR A 375 -25.06 -1.30 -8.47
C THR A 375 -26.18 -2.28 -8.69
N ALA A 376 -27.09 -2.42 -7.75
CA ALA A 376 -28.25 -3.28 -7.95
C ALA A 376 -29.52 -2.49 -8.13
N LEU A 377 -29.45 -1.15 -8.12
CA LEU A 377 -30.63 -0.33 -8.41
C LEU A 377 -31.06 -0.46 -9.88
N PRO A 378 -32.34 -0.27 -10.17
CA PRO A 378 -32.78 -0.21 -11.58
C PRO A 378 -32.01 0.82 -12.39
N ASP A 379 -31.72 0.46 -13.64
CA ASP A 379 -31.06 1.40 -14.53
C ASP A 379 -31.98 2.54 -14.98
N GLU A 380 -33.27 2.30 -15.03
CA GLU A 380 -34.18 3.27 -15.67
C GLU A 380 -34.49 4.43 -14.76
N HIS A 381 -34.60 5.61 -15.34
CA HIS A 381 -34.84 6.83 -14.55
C HIS A 381 -36.25 6.84 -13.99
N SER A 382 -37.19 6.34 -14.77
CA SER A 382 -38.60 6.45 -14.47
C SER A 382 -39.01 5.16 -13.80
N GLY A 383 -39.92 5.25 -12.86
CA GLY A 383 -40.43 4.06 -12.19
C GLY A 383 -40.82 4.39 -10.77
N VAL A 384 -41.16 3.33 -10.04
CA VAL A 384 -41.81 3.44 -8.75
C VAL A 384 -40.81 3.36 -7.58
N TYR A 385 -39.52 3.51 -7.85
CA TYR A 385 -38.54 3.33 -6.78
C TYR A 385 -37.78 4.62 -6.52
N GLU A 386 -37.33 4.79 -5.28
CA GLU A 386 -36.52 5.93 -4.91
C GLU A 386 -35.73 5.54 -3.67
N LEU A 387 -34.90 6.44 -3.17
CA LEU A 387 -33.99 6.12 -2.09
C LEU A 387 -34.46 6.75 -0.81
N LEU A 388 -34.25 6.05 0.29
CA LEU A 388 -34.58 6.51 1.64
C LEU A 388 -33.29 7.00 2.24
N CYS A 389 -33.16 8.34 2.40
CA CYS A 389 -31.92 8.89 2.93
C CYS A 389 -31.95 8.92 4.47
N PRO A 390 -30.81 8.70 5.10
CA PRO A 390 -30.78 8.70 6.58
C PRO A 390 -31.03 10.07 7.19
N ASP A 391 -31.04 11.15 6.41
CA ASP A 391 -31.42 12.47 6.91
C ASP A 391 -32.92 12.70 6.86
N ASN A 392 -33.71 11.63 6.70
CA ASN A 392 -35.17 11.70 6.75
C ASN A 392 -35.75 12.42 5.54
N THR A 393 -35.09 12.33 4.39
CA THR A 393 -35.71 12.68 3.12
C THR A 393 -35.61 11.51 2.16
N ARG A 394 -36.29 11.66 1.03
CA ARG A 394 -36.24 10.70 -0.05
C ARG A 394 -35.69 11.36 -1.29
N LYS A 395 -34.91 10.61 -2.07
CA LYS A 395 -34.31 11.15 -3.26
C LYS A 395 -34.36 10.15 -4.39
N PRO A 396 -34.16 10.60 -5.61
CA PRO A 396 -34.28 9.69 -6.76
C PRO A 396 -33.10 8.72 -6.82
N LEU A 397 -33.33 7.62 -7.57
CA LEU A 397 -32.35 6.53 -7.67
C LEU A 397 -30.97 7.03 -8.03
N ASN A 398 -30.89 8.05 -8.90
CA ASN A 398 -29.58 8.47 -9.39
C ASN A 398 -28.86 9.42 -8.45
N LYS A 399 -29.45 9.76 -7.31
CA LYS A 399 -28.77 10.56 -6.30
C LYS A 399 -28.18 9.72 -5.15
N TYR A 400 -27.79 8.47 -5.39
CA TYR A 400 -27.27 7.64 -4.29
C TYR A 400 -26.01 8.25 -3.67
N LYS A 401 -25.20 9.00 -4.43
CA LYS A 401 -24.01 9.60 -3.84
C LYS A 401 -24.35 10.60 -2.77
N GLU A 402 -25.56 11.16 -2.76
CA GLU A 402 -25.93 12.03 -1.65
C GLU A 402 -27.09 11.47 -0.82
N CYS A 403 -27.43 10.18 -0.98
CA CYS A 403 -28.55 9.55 -0.29
C CYS A 403 -28.19 8.09 -0.04
N ASN A 404 -27.35 7.84 0.96
CA ASN A 404 -26.75 6.52 1.09
C ASN A 404 -26.40 6.25 2.54
N LEU A 405 -26.08 4.99 2.83
CA LEU A 405 -25.68 4.49 4.13
C LEU A 405 -24.18 4.24 4.21
N GLY A 406 -23.40 4.92 3.39
CA GLY A 406 -21.94 4.81 3.43
C GLY A 406 -21.39 4.18 2.17
N LYS A 407 -20.17 4.56 1.81
CA LYS A 407 -19.46 3.75 0.82
C LYS A 407 -19.18 2.39 1.45
N VAL A 408 -19.10 1.34 0.62
CA VAL A 408 -18.71 0.03 1.16
C VAL A 408 -17.45 -0.44 0.46
N PRO A 409 -16.70 -1.37 1.08
CA PRO A 409 -15.50 -1.91 0.43
C PRO A 409 -15.80 -2.68 -0.85
N ALA A 410 -14.74 -2.84 -1.64
CA ALA A 410 -14.80 -3.74 -2.76
C ALA A 410 -15.00 -5.18 -2.26
N ASP A 411 -15.59 -6.00 -3.13
CA ASP A 411 -15.75 -7.44 -2.95
C ASP A 411 -14.61 -8.14 -3.69
N ALA A 412 -14.37 -9.43 -3.36
CA ALA A 412 -13.10 -10.01 -3.82
C ALA A 412 -13.18 -11.52 -3.99
N VAL A 413 -12.39 -12.05 -4.91
CA VAL A 413 -12.17 -13.49 -4.96
C VAL A 413 -11.21 -13.84 -3.82
N VAL A 414 -11.47 -14.94 -3.07
CA VAL A 414 -10.64 -15.35 -1.94
C VAL A 414 -10.11 -16.75 -2.18
N THR A 415 -9.01 -17.05 -1.51
CA THR A 415 -8.49 -18.42 -1.45
C THR A 415 -7.80 -18.61 -0.11
N ARG A 416 -7.24 -19.81 0.10
CA ARG A 416 -6.54 -20.08 1.36
C ARG A 416 -5.40 -19.07 1.59
N LYS A 417 -5.20 -18.69 2.84
CA LYS A 417 -4.07 -17.82 3.16
C LYS A 417 -2.76 -18.37 2.60
N ALA A 418 -2.59 -19.69 2.56
CA ALA A 418 -1.33 -20.26 2.07
C ALA A 418 -1.06 -19.89 0.62
N GLY A 419 -2.09 -19.64 -0.18
CA GLY A 419 -1.85 -19.18 -1.53
C GLY A 419 -1.29 -20.22 -2.48
N ASP A 420 -1.56 -21.51 -2.20
CA ASP A 420 -1.11 -22.56 -3.09
C ASP A 420 -1.77 -22.49 -4.46
N LYS A 421 -2.97 -21.93 -4.57
CA LYS A 421 -3.61 -21.88 -5.88
C LYS A 421 -3.73 -20.47 -6.44
N THR A 422 -3.12 -19.47 -5.78
CA THR A 422 -3.32 -18.08 -6.19
C THR A 422 -2.93 -17.87 -7.65
N LYS A 423 -1.75 -18.36 -8.04
CA LYS A 423 -1.30 -18.19 -9.41
C LYS A 423 -2.26 -18.84 -10.41
N ASP A 424 -2.68 -20.09 -10.14
CA ASP A 424 -3.61 -20.74 -11.06
C ASP A 424 -4.93 -19.97 -11.16
N ILE A 425 -5.43 -19.44 -10.05
CA ILE A 425 -6.70 -18.71 -10.09
C ILE A 425 -6.53 -17.42 -10.88
N ASN A 426 -5.47 -16.68 -10.61
CA ASN A 426 -5.22 -15.45 -11.36
C ASN A 426 -5.03 -15.74 -12.85
N ASP A 427 -4.22 -16.75 -13.18
CA ASP A 427 -3.99 -17.08 -14.58
C ASP A 427 -5.29 -17.42 -15.27
N PHE A 428 -6.13 -18.21 -14.63
CA PHE A 428 -7.37 -18.58 -15.29
C PHE A 428 -8.22 -17.35 -15.54
N LEU A 429 -8.43 -16.51 -14.53
CA LEU A 429 -9.32 -15.37 -14.70
C LEU A 429 -8.75 -14.34 -15.68
N LEU A 430 -7.44 -14.16 -15.71
CA LEU A 430 -6.85 -13.27 -16.69
C LEU A 430 -7.13 -13.76 -18.11
N GLU A 431 -6.99 -15.07 -18.36
CA GLU A 431 -7.21 -15.61 -19.70
C GLU A 431 -8.68 -15.65 -20.04
N ALA A 432 -9.51 -16.07 -19.10
CA ALA A 432 -10.94 -16.05 -19.38
C ALA A 432 -11.40 -14.66 -19.79
N GLN A 433 -10.82 -13.62 -19.18
CA GLN A 433 -11.24 -12.25 -19.47
C GLN A 433 -10.69 -11.77 -20.81
N LYS A 434 -9.40 -12.02 -21.04
CA LYS A 434 -8.82 -11.82 -22.36
C LYS A 434 -9.70 -12.42 -23.45
N LYS A 435 -10.13 -13.67 -23.27
CA LYS A 435 -10.94 -14.38 -24.25
C LYS A 435 -12.41 -13.96 -24.24
N LYS A 436 -12.79 -13.06 -23.35
CA LYS A 436 -14.18 -12.59 -23.28
C LYS A 436 -15.16 -13.70 -22.89
N CYS A 437 -14.76 -14.63 -22.03
CA CYS A 437 -15.74 -15.63 -21.59
C CYS A 437 -16.88 -14.94 -20.82
N LYS A 438 -18.01 -15.64 -20.70
CA LYS A 438 -19.20 -15.08 -20.05
C LYS A 438 -19.11 -15.19 -18.51
N LEU A 439 -18.10 -14.53 -17.94
CA LEU A 439 -17.96 -14.54 -16.48
C LEU A 439 -19.09 -13.76 -15.80
N PHE A 440 -19.49 -12.62 -16.37
CA PHE A 440 -20.21 -11.60 -15.59
C PHE A 440 -21.68 -11.45 -15.93
N GLY A 441 -22.30 -12.44 -16.55
CA GLY A 441 -23.74 -12.45 -16.65
C GLY A 441 -24.21 -13.87 -16.84
N SER A 442 -25.52 -14.03 -16.85
CA SER A 442 -26.03 -15.37 -17.14
C SER A 442 -27.53 -15.38 -17.41
N PRO A 443 -27.99 -16.23 -18.33
CA PRO A 443 -29.43 -16.49 -18.46
C PRO A 443 -30.06 -16.99 -17.19
N HIS A 444 -29.32 -17.73 -16.37
CA HIS A 444 -29.94 -18.39 -15.25
C HIS A 444 -30.28 -17.44 -14.11
N GLY A 445 -29.69 -16.25 -14.08
CA GLY A 445 -29.97 -15.35 -12.97
C GLY A 445 -28.87 -14.31 -12.82
N LYS A 446 -29.09 -13.44 -11.85
CA LYS A 446 -28.20 -12.31 -11.64
C LYS A 446 -27.20 -12.59 -10.51
N ASP A 447 -25.99 -12.06 -10.68
CA ASP A 447 -24.96 -12.08 -9.66
C ASP A 447 -24.53 -13.51 -9.32
N LEU A 448 -24.53 -14.37 -10.33
CA LEU A 448 -24.09 -15.75 -10.15
C LEU A 448 -22.58 -15.81 -10.33
N MET A 449 -21.89 -16.43 -9.35
CA MET A 449 -20.43 -16.51 -9.33
C MET A 449 -19.75 -15.20 -9.01
N PHE A 450 -20.06 -14.16 -9.78
CA PHE A 450 -19.60 -12.80 -9.59
C PHE A 450 -20.76 -11.82 -9.68
N ASP A 451 -20.57 -10.65 -9.11
CA ASP A 451 -21.53 -9.57 -9.32
C ASP A 451 -21.70 -9.26 -10.82
N ASP A 452 -22.96 -9.12 -11.28
CA ASP A 452 -23.19 -8.77 -12.70
C ASP A 452 -22.64 -7.39 -13.05
N SER A 453 -22.49 -6.48 -12.07
CA SER A 453 -21.90 -5.18 -12.35
C SER A 453 -20.41 -5.25 -12.64
N THR A 454 -19.72 -6.32 -12.22
CA THR A 454 -18.27 -6.44 -12.42
C THR A 454 -17.88 -6.31 -13.89
N THR A 455 -16.81 -5.55 -14.18
CA THR A 455 -16.30 -5.47 -15.55
C THR A 455 -14.93 -6.07 -15.73
N HIS A 456 -14.07 -5.98 -14.72
CA HIS A 456 -12.73 -6.54 -14.84
C HIS A 456 -12.26 -6.95 -13.45
N LEU A 457 -11.56 -8.08 -13.35
CA LEU A 457 -10.96 -8.56 -12.10
C LEU A 457 -9.47 -8.55 -12.26
N ALA A 458 -8.77 -7.87 -11.36
CA ALA A 458 -7.32 -7.76 -11.41
C ALA A 458 -6.72 -8.33 -10.14
N PRO A 459 -5.49 -8.82 -10.22
CA PRO A 459 -4.80 -9.32 -9.02
C PRO A 459 -4.58 -8.21 -8.00
N LEU A 460 -4.77 -8.54 -6.72
CA LEU A 460 -4.47 -7.61 -5.64
C LEU A 460 -3.00 -7.69 -5.28
N PRO A 461 -2.47 -6.71 -4.53
CA PRO A 461 -1.08 -6.78 -4.08
C PRO A 461 -0.81 -8.09 -3.35
N SER A 462 0.39 -8.61 -3.52
CA SER A 462 0.67 -9.96 -3.07
C SER A 462 0.64 -10.06 -1.56
N GLU A 463 0.91 -8.97 -0.85
CA GLU A 463 0.90 -9.01 0.59
C GLU A 463 -0.39 -8.46 1.18
N ILE A 464 -1.43 -8.25 0.36
CA ILE A 464 -2.68 -7.76 0.91
C ILE A 464 -3.32 -8.83 1.81
N ASP A 465 -4.02 -8.38 2.84
CA ASP A 465 -4.87 -9.25 3.64
C ASP A 465 -6.18 -8.50 3.83
N ALA A 466 -7.11 -9.09 4.57
CA ALA A 466 -8.40 -8.43 4.74
C ALA A 466 -8.23 -7.06 5.37
N PHE A 467 -7.28 -6.89 6.31
CA PHE A 467 -7.15 -5.59 6.94
C PHE A 467 -6.80 -4.50 5.92
N PHE A 468 -5.77 -4.72 5.10
CA PHE A 468 -5.33 -3.73 4.11
C PHE A 468 -6.28 -3.59 2.94
N PHE A 469 -7.01 -4.67 2.58
CA PHE A 469 -8.01 -4.63 1.52
C PHE A 469 -9.25 -3.83 1.96
N LEU A 470 -9.80 -4.13 3.14
CA LEU A 470 -10.96 -3.40 3.61
C LEU A 470 -10.59 -2.02 4.13
N GLY A 471 -9.41 -1.89 4.69
CA GLY A 471 -8.95 -0.67 5.31
C GLY A 471 -9.38 -0.61 6.76
N VAL A 472 -8.64 0.19 7.52
CA VAL A 472 -8.72 0.14 8.98
C VAL A 472 -10.09 0.57 9.46
N LYS A 473 -10.74 1.53 8.77
CA LYS A 473 -12.04 1.97 9.25
C LYS A 473 -13.11 0.89 9.09
N TRP A 474 -13.26 0.31 7.88
CA TRP A 474 -14.28 -0.73 7.74
C TRP A 474 -13.90 -1.99 8.51
N TYR A 475 -12.62 -2.33 8.56
CA TYR A 475 -12.23 -3.50 9.35
C TYR A 475 -12.66 -3.35 10.81
N ASN A 476 -12.35 -2.22 11.43
CA ASN A 476 -12.77 -2.03 12.83
C ASN A 476 -14.28 -1.93 12.95
N ALA A 477 -14.94 -1.28 11.97
CA ALA A 477 -16.39 -1.21 12.06
C ALA A 477 -17.01 -2.58 12.00
N MET A 478 -16.48 -3.47 11.17
CA MET A 478 -17.08 -4.80 11.17
C MET A 478 -16.71 -5.57 12.43
N LYS A 479 -15.49 -5.37 12.94
CA LYS A 479 -15.13 -6.00 14.22
C LYS A 479 -16.06 -5.53 15.33
N ALA A 480 -16.34 -4.23 15.37
CA ALA A 480 -17.15 -3.63 16.43
C ALA A 480 -18.53 -4.27 16.57
N LEU A 481 -19.08 -4.90 15.51
CA LEU A 481 -20.39 -5.55 15.65
C LEU A 481 -20.33 -6.92 16.29
N THR A 482 -19.16 -7.55 16.26
CA THR A 482 -19.01 -8.91 16.76
C THR A 482 -18.51 -8.97 18.19
N GLU A 483 -17.89 -7.89 18.71
CA GLU A 483 -17.33 -7.92 20.04
C GLU A 483 -17.04 -6.50 20.52
N ASP A 484 -17.09 -6.30 21.83
CA ASP A 484 -16.73 -5.01 22.41
C ASP A 484 -15.22 -4.82 22.28
N VAL A 485 -14.80 -3.94 21.36
CA VAL A 485 -13.38 -3.70 21.13
C VAL A 485 -12.92 -2.66 22.15
N LYS A 486 -12.16 -3.10 23.14
CA LYS A 486 -11.66 -2.22 24.19
C LYS A 486 -10.45 -1.45 23.66
N LEU A 487 -10.62 -0.16 23.40
CA LEU A 487 -9.53 0.62 22.83
C LEU A 487 -8.44 0.83 23.88
N PRO A 488 -7.18 0.71 23.51
CA PRO A 488 -6.09 0.80 24.49
C PRO A 488 -5.80 2.24 24.89
N SER A 489 -5.20 2.35 26.07
CA SER A 489 -5.02 3.64 26.71
C SER A 489 -4.10 4.54 25.90
N LYS A 490 -4.44 5.83 25.83
CA LYS A 490 -3.54 6.82 25.29
C LYS A 490 -2.43 7.21 26.25
N ASN A 491 -2.44 6.68 27.46
CA ASN A 491 -1.41 6.98 28.46
C ASN A 491 -0.32 5.92 28.51
N LYS A 492 -0.33 4.98 27.58
CA LYS A 492 0.54 3.83 27.61
C LYS A 492 1.08 3.60 26.21
N VAL A 493 2.39 3.40 26.10
CA VAL A 493 3.01 3.07 24.81
C VAL A 493 3.34 1.60 24.80
N ARG A 494 2.69 0.86 23.91
CA ARG A 494 3.07 -0.52 23.64
C ARG A 494 4.25 -0.53 22.69
N TRP A 495 5.43 -0.87 23.20
CA TRP A 495 6.67 -0.86 22.42
C TRP A 495 6.83 -2.20 21.71
N CYS A 496 7.22 -2.17 20.43
CA CYS A 496 7.36 -3.39 19.65
C CYS A 496 8.82 -3.79 19.61
N THR A 497 9.10 -5.04 19.95
CA THR A 497 10.48 -5.49 20.05
C THR A 497 10.72 -6.52 18.95
N ILE A 498 11.96 -6.63 18.48
CA ILE A 498 12.25 -7.54 17.36
C ILE A 498 13.08 -8.77 17.75
N ASN A 499 13.48 -8.93 19.00
CA ASN A 499 14.15 -10.16 19.43
C ASN A 499 13.93 -10.34 20.93
N LYS A 500 14.33 -11.49 21.43
CA LYS A 500 14.03 -11.85 22.81
C LYS A 500 14.76 -10.93 23.79
N PRO A 501 16.01 -10.55 23.54
CA PRO A 501 16.65 -9.62 24.50
C PRO A 501 15.99 -8.27 24.56
N GLU A 502 15.53 -7.74 23.41
CA GLU A 502 14.75 -6.50 23.41
C GLU A 502 13.49 -6.65 24.24
N MET A 503 12.75 -7.73 24.03
CA MET A 503 11.55 -8.00 24.81
C MET A 503 11.85 -7.99 26.31
N MET A 504 12.99 -8.58 26.70
CA MET A 504 13.32 -8.62 28.14
C MET A 504 13.71 -7.25 28.65
N LYS A 505 14.50 -6.48 27.89
CA LYS A 505 14.74 -5.10 28.29
C LYS A 505 13.45 -4.33 28.41
N CYS A 506 12.48 -4.61 27.51
CA CYS A 506 11.22 -3.88 27.56
C CYS A 506 10.36 -4.30 28.75
N LYS A 507 10.41 -5.58 29.15
CA LYS A 507 9.71 -5.95 30.38
C LYS A 507 10.34 -5.29 31.60
N ASP A 508 11.65 -5.07 31.59
CA ASP A 508 12.28 -4.32 32.69
C ASP A 508 11.83 -2.86 32.68
N TRP A 509 11.74 -2.24 31.51
CA TRP A 509 11.23 -0.89 31.43
C TRP A 509 9.80 -0.82 31.95
N ALA A 510 8.96 -1.77 31.52
CA ALA A 510 7.56 -1.76 31.94
C ALA A 510 7.44 -1.85 33.46
N ALA A 511 8.27 -2.70 34.09
CA ALA A 511 8.21 -2.84 35.55
C ALA A 511 8.45 -1.52 36.27
N VAL A 512 9.40 -0.69 35.79
CA VAL A 512 9.62 0.61 36.46
C VAL A 512 8.71 1.71 35.95
N SER A 513 8.09 1.53 34.79
CA SER A 513 7.44 2.63 34.09
C SER A 513 6.15 3.07 34.77
N GLY A 514 5.66 2.28 35.72
CA GLY A 514 4.35 2.56 36.29
C GLY A 514 3.22 2.44 35.29
N GLY A 515 3.34 1.54 34.31
CA GLY A 515 2.28 1.26 33.37
C GLY A 515 2.30 2.10 32.10
N ALA A 516 3.17 3.11 32.02
CA ALA A 516 3.30 3.88 30.81
C ALA A 516 3.94 3.09 29.67
N ILE A 517 4.65 1.99 29.96
CA ILE A 517 5.30 1.20 28.91
C ILE A 517 4.75 -0.22 28.94
N ALA A 518 4.42 -0.77 27.77
CA ALA A 518 4.14 -2.19 27.68
C ALA A 518 4.89 -2.74 26.48
N CYS A 519 4.79 -4.04 26.25
CA CYS A 519 5.69 -4.69 25.30
C CYS A 519 4.90 -5.58 24.35
N THR A 520 5.35 -5.66 23.10
CA THR A 520 4.88 -6.68 22.18
C THR A 520 6.10 -7.23 21.45
N GLU A 521 5.93 -8.36 20.76
CA GLU A 521 7.08 -8.94 20.08
C GLU A 521 6.77 -9.23 18.62
N ALA A 522 7.77 -9.06 17.79
CA ALA A 522 7.65 -9.37 16.37
C ALA A 522 9.00 -9.89 15.91
N SER A 523 9.02 -10.43 14.70
CA SER A 523 10.23 -11.04 14.14
C SER A 523 11.19 -10.03 13.56
N CYS A 524 10.72 -8.83 13.19
CA CYS A 524 11.55 -7.87 12.47
C CYS A 524 10.87 -6.51 12.43
N PRO A 525 11.62 -5.48 12.08
CA PRO A 525 11.06 -4.12 12.08
C PRO A 525 9.82 -3.98 11.21
N GLU A 526 9.78 -4.65 10.05
CA GLU A 526 8.59 -4.48 9.19
C GLU A 526 7.35 -5.06 9.86
N HIS A 527 7.49 -6.18 10.58
CA HIS A 527 6.31 -6.69 11.26
C HIS A 527 5.90 -5.77 12.39
N CYS A 528 6.85 -5.08 13.03
CA CYS A 528 6.49 -4.03 13.98
C CYS A 528 5.67 -2.92 13.30
N VAL A 529 6.11 -2.45 12.14
CA VAL A 529 5.30 -1.47 11.38
C VAL A 529 3.88 -1.99 11.18
N LYS A 530 3.74 -3.24 10.76
CA LYS A 530 2.41 -3.83 10.62
C LYS A 530 1.62 -3.84 11.91
N GLN A 531 2.26 -4.23 13.03
CA GLN A 531 1.52 -4.18 14.30
C GLN A 531 1.02 -2.80 14.61
N ILE A 532 1.87 -1.79 14.40
CA ILE A 532 1.47 -0.42 14.68
C ILE A 532 0.31 0.00 13.76
N LEU A 533 0.37 -0.36 12.47
CA LEU A 533 -0.74 -0.03 11.57
C LEU A 533 -2.04 -0.67 12.04
N LYS A 534 -1.97 -1.90 12.54
CA LYS A 534 -3.18 -2.60 12.94
C LYS A 534 -3.60 -2.33 14.39
N GLY A 535 -2.96 -1.39 15.07
CA GLY A 535 -3.35 -1.11 16.43
C GLY A 535 -2.91 -2.13 17.47
N GLU A 536 -1.92 -2.96 17.14
CA GLU A 536 -1.39 -3.95 18.08
C GLU A 536 -0.19 -3.45 18.87
N ALA A 537 0.54 -2.47 18.36
CA ALA A 537 1.62 -1.80 19.09
C ALA A 537 1.50 -0.33 18.80
N ASP A 538 2.33 0.47 19.47
CA ASP A 538 2.31 1.93 19.34
C ASP A 538 3.59 2.55 18.83
N ALA A 539 4.73 1.89 18.99
CA ALA A 539 5.95 2.59 18.66
C ALA A 539 7.07 1.58 18.45
N VAL A 540 8.08 1.99 17.67
CA VAL A 540 9.24 1.15 17.41
C VAL A 540 10.29 2.09 16.87
N THR A 541 11.56 1.79 17.13
CA THR A 541 12.68 2.54 16.59
C THR A 541 13.12 1.93 15.28
N LEU A 542 13.27 2.76 14.23
CA LEU A 542 13.57 2.20 12.92
C LEU A 542 14.93 2.64 12.43
N ASP A 543 15.70 1.71 11.87
CA ASP A 543 16.83 2.12 11.03
C ASP A 543 16.37 2.92 9.82
N VAL A 544 17.27 3.78 9.30
CA VAL A 544 17.00 4.55 8.07
C VAL A 544 16.45 3.67 6.95
N GLN A 545 17.05 2.49 6.77
CA GLN A 545 16.67 1.60 5.70
C GLN A 545 15.21 1.11 5.78
N TYR A 546 14.47 1.38 6.86
CA TYR A 546 13.07 0.97 6.91
C TYR A 546 12.11 2.15 6.86
N MET A 547 12.64 3.36 6.94
CA MET A 547 11.82 4.57 7.06
C MET A 547 11.01 4.84 5.79
N TYR A 548 11.53 4.53 4.61
CA TYR A 548 10.76 4.79 3.39
C TYR A 548 9.49 3.93 3.39
N MET A 549 9.65 2.64 3.69
CA MET A 549 8.47 1.80 3.84
C MET A 549 7.51 2.33 4.91
N ALA A 550 8.03 2.73 6.09
CA ALA A 550 7.16 3.15 7.18
C ALA A 550 6.41 4.46 6.86
N LEU A 551 7.09 5.43 6.23
CA LEU A 551 6.41 6.67 5.81
C LEU A 551 5.41 6.42 4.68
N MET A 552 5.76 5.61 3.67
CA MET A 552 4.76 5.30 2.64
C MET A 552 3.51 4.70 3.26
N CYS A 553 3.65 3.84 4.28
CA CYS A 553 2.49 3.23 4.92
C CYS A 553 1.74 4.21 5.80
N GLY A 554 2.28 5.39 6.00
CA GLY A 554 1.54 6.41 6.69
C GLY A 554 1.88 6.62 8.15
N LEU A 555 2.91 5.94 8.67
CA LEU A 555 3.41 6.31 10.00
C LEU A 555 4.23 7.61 9.93
N LEU A 556 4.44 8.21 11.09
CA LEU A 556 5.18 9.47 11.25
C LEU A 556 6.31 9.33 12.26
N PRO A 557 7.43 10.01 12.04
CA PRO A 557 8.42 10.15 13.12
C PRO A 557 7.77 10.84 14.31
N ALA A 558 7.91 10.25 15.49
CA ALA A 558 7.50 10.96 16.70
C ALA A 558 8.68 11.66 17.36
N VAL A 559 9.71 10.89 17.73
CA VAL A 559 10.98 11.42 18.20
C VAL A 559 12.07 10.73 17.39
N GLU A 560 13.29 11.29 17.44
CA GLU A 560 14.44 10.69 16.78
C GLU A 560 15.60 10.54 17.77
N GLU A 561 16.50 9.59 17.50
CA GLU A 561 17.71 9.40 18.30
C GLU A 561 18.73 10.47 17.93
N TYR A 562 19.07 11.33 18.91
CA TYR A 562 20.10 12.35 18.76
C TYR A 562 21.44 11.75 19.19
N PRO A 563 22.40 11.59 18.28
CA PRO A 563 23.63 10.84 18.58
C PRO A 563 24.88 11.68 18.90
N ASN A 564 24.77 12.99 19.01
CA ASN A 564 25.92 13.89 19.02
C ASN A 564 26.56 13.93 20.41
N LYS A 565 27.69 13.25 20.56
CA LYS A 565 28.31 13.10 21.88
C LYS A 565 28.89 14.39 22.42
N ASP A 566 29.18 15.37 21.56
CA ASP A 566 29.84 16.58 22.03
C ASP A 566 28.86 17.51 22.72
N ASP A 567 27.85 17.97 21.99
CA ASP A 567 26.90 18.96 22.49
C ASP A 567 25.72 18.24 23.11
N PHE A 568 25.62 18.27 24.44
CA PHE A 568 24.48 17.75 25.17
C PHE A 568 23.40 18.79 25.42
N HIS A 569 23.58 20.01 24.92
CA HIS A 569 22.61 21.09 25.16
C HIS A 569 21.21 20.75 24.67
N PRO A 570 21.01 20.24 23.45
CA PRO A 570 19.64 19.91 23.01
C PRO A 570 18.91 18.98 23.95
N CYS A 571 19.64 18.09 24.63
CA CYS A 571 19.04 17.19 25.60
C CYS A 571 18.75 17.87 26.93
N GLN A 572 19.68 18.68 27.44
CA GLN A 572 19.45 19.36 28.71
C GLN A 572 18.26 20.31 28.61
N ILE A 573 18.32 21.26 27.68
CA ILE A 573 17.23 22.19 27.45
C ILE A 573 16.50 21.80 26.18
N PRO A 574 15.51 20.90 26.25
CA PRO A 574 14.77 20.54 25.03
C PRO A 574 14.18 21.77 24.37
N GLY A 575 13.92 21.65 23.07
CA GLY A 575 13.38 22.71 22.25
C GLY A 575 14.42 23.67 21.69
N SER A 576 15.55 23.81 22.37
CA SER A 576 16.59 24.72 21.89
C SER A 576 17.08 24.29 20.53
N THR A 577 17.47 25.27 19.72
CA THR A 577 17.91 24.98 18.37
C THR A 577 19.21 24.19 18.40
N ILE A 578 19.32 23.24 17.47
CA ILE A 578 20.38 22.24 17.48
C ILE A 578 21.44 22.66 16.49
N LYS A 579 22.66 22.82 17.00
CA LYS A 579 23.75 23.27 16.15
C LYS A 579 24.11 22.21 15.13
N ASP A 580 24.35 21.00 15.59
CA ASP A 580 24.76 19.89 14.74
C ASP A 580 24.10 18.62 15.27
N PHE A 581 23.18 18.03 14.49
CA PHE A 581 22.49 16.84 14.95
C PHE A 581 23.45 15.67 15.12
N GLY A 582 24.53 15.65 14.36
CA GLY A 582 25.58 14.69 14.61
C GLY A 582 25.51 13.43 13.80
N THR A 583 24.59 13.32 12.85
CA THR A 583 24.56 12.08 12.08
C THR A 583 25.80 11.99 11.20
N LYS A 584 26.01 10.83 10.60
CA LYS A 584 27.13 10.69 9.70
C LYS A 584 26.87 11.46 8.40
N ARG A 585 27.95 11.84 7.72
CA ARG A 585 27.91 12.39 6.37
C ARG A 585 28.71 11.48 5.47
N ALA A 586 28.09 11.03 4.38
CA ALA A 586 28.80 10.24 3.41
C ALA A 586 29.63 11.17 2.55
N VAL A 587 30.88 10.79 2.31
CA VAL A 587 31.83 11.62 1.59
C VAL A 587 32.54 10.75 0.59
N ALA A 588 33.10 11.39 -0.44
CA ALA A 588 33.99 10.73 -1.38
C ALA A 588 35.42 11.18 -1.06
N LEU A 589 36.22 10.26 -0.52
CA LEU A 589 37.55 10.56 0.00
C LEU A 589 38.62 10.19 -1.01
N VAL A 590 39.48 11.16 -1.33
CA VAL A 590 40.64 10.94 -2.21
C VAL A 590 41.86 11.66 -1.63
N LYS A 591 43.02 11.32 -2.18
CA LYS A 591 44.29 11.89 -1.73
C LYS A 591 44.53 13.28 -2.31
N LYS A 592 45.19 14.13 -1.53
CA LYS A 592 45.57 15.45 -2.03
C LYS A 592 46.44 15.34 -3.28
N SER A 593 47.25 14.28 -3.37
CA SER A 593 48.11 14.10 -4.54
C SER A 593 47.28 13.97 -5.82
N ASN A 594 46.47 12.92 -5.91
CA ASN A 594 45.58 12.68 -7.04
C ASN A 594 44.74 13.93 -7.34
N LYS A 595 45.27 14.85 -8.15
CA LYS A 595 44.62 16.13 -8.40
C LYS A 595 43.66 16.11 -9.57
N ASP A 596 43.72 15.09 -10.43
CA ASP A 596 42.89 15.05 -11.63
C ASP A 596 41.54 14.38 -11.42
N ILE A 597 41.30 13.78 -10.25
CA ILE A 597 40.05 13.08 -9.97
C ILE A 597 39.04 14.08 -9.41
N LYS A 598 37.89 14.19 -10.07
CA LYS A 598 36.76 14.98 -9.60
C LYS A 598 35.53 14.06 -9.52
N TRP A 599 34.40 14.63 -9.11
CA TRP A 599 33.19 13.84 -9.03
C TRP A 599 32.77 13.35 -10.41
N ASN A 600 32.70 14.26 -11.39
CA ASN A 600 32.19 13.96 -12.71
C ASN A 600 33.10 13.05 -13.53
N ASN A 601 34.20 12.52 -13.00
CA ASN A 601 35.02 11.61 -13.80
C ASN A 601 35.35 10.32 -13.05
N LEU A 602 34.58 10.00 -12.00
CA LEU A 602 34.85 8.78 -11.22
C LEU A 602 34.70 7.52 -12.05
N LYS A 603 34.05 7.60 -13.19
CA LYS A 603 33.77 6.41 -13.97
C LYS A 603 35.05 5.69 -14.36
N GLY A 604 35.09 4.37 -14.13
CA GLY A 604 36.26 3.57 -14.42
C GLY A 604 37.34 3.58 -13.36
N LYS A 605 37.43 4.63 -12.54
CA LYS A 605 38.47 4.69 -11.51
C LYS A 605 38.39 3.53 -10.53
N LYS A 606 39.33 3.49 -9.58
CA LYS A 606 39.41 2.46 -8.55
C LYS A 606 38.90 3.01 -7.22
N SER A 607 37.88 2.35 -6.66
CA SER A 607 37.12 2.88 -5.53
C SER A 607 37.06 1.84 -4.41
N CYS A 608 36.89 2.35 -3.18
CA CYS A 608 36.87 1.52 -1.97
C CYS A 608 35.57 1.75 -1.21
N HIS A 609 34.83 0.67 -0.96
CA HIS A 609 33.55 0.74 -0.26
C HIS A 609 33.59 -0.08 1.02
N THR A 610 33.20 0.53 2.15
CA THR A 610 33.07 -0.17 3.42
C THR A 610 32.48 -1.56 3.25
N HIS A 611 31.33 -1.67 2.58
CA HIS A 611 30.80 -2.97 2.18
C HIS A 611 29.46 -2.75 1.50
N VAL A 612 29.04 -3.76 0.72
CA VAL A 612 27.74 -3.69 0.06
C VAL A 612 26.66 -3.56 1.12
N GLY A 613 25.71 -2.63 0.89
CA GLY A 613 24.59 -2.43 1.79
C GLY A 613 24.79 -1.36 2.83
N ASP A 614 26.04 -0.96 3.08
CA ASP A 614 26.28 0.16 3.96
C ASP A 614 25.70 1.42 3.31
N ILE A 615 25.03 2.24 4.11
CA ILE A 615 24.37 3.42 3.59
C ILE A 615 25.43 4.44 3.18
N PRO A 616 26.31 4.88 4.08
CA PRO A 616 27.34 5.83 3.65
C PRO A 616 28.33 5.24 2.66
N GLY A 617 28.62 3.95 2.73
CA GLY A 617 29.61 3.40 1.82
C GLY A 617 29.10 2.84 0.51
N TRP A 618 27.79 2.74 0.32
CA TRP A 618 27.28 1.98 -0.82
C TRP A 618 25.93 2.46 -1.33
N VAL A 619 24.93 2.54 -0.44
CA VAL A 619 23.58 2.95 -0.86
C VAL A 619 23.61 4.37 -1.42
N ILE A 620 24.26 5.29 -0.71
CA ILE A 620 24.31 6.68 -1.16
C ILE A 620 25.14 6.78 -2.44
N PRO A 621 26.36 6.27 -2.46
CA PRO A 621 27.11 6.23 -3.73
C PRO A 621 26.36 5.56 -4.87
N ALA A 622 25.77 4.38 -4.63
CA ALA A 622 25.09 3.69 -5.71
C ALA A 622 23.88 4.49 -6.19
N GLY A 623 23.18 5.17 -5.27
CA GLY A 623 22.02 5.94 -5.66
C GLY A 623 22.39 7.09 -6.57
N LEU A 624 23.43 7.84 -6.21
CA LEU A 624 23.83 8.98 -7.02
C LEU A 624 24.29 8.53 -8.39
N ILE A 625 25.04 7.43 -8.46
CA ILE A 625 25.55 6.92 -9.72
C ILE A 625 24.41 6.48 -10.62
N SER A 626 23.48 5.69 -10.07
CA SER A 626 22.29 5.28 -10.82
C SER A 626 21.49 6.49 -11.30
N ASN A 627 21.36 7.50 -10.45
CA ASN A 627 20.64 8.73 -10.78
C ASN A 627 21.21 9.43 -12.00
N GLN A 628 22.52 9.37 -12.18
CA GLN A 628 23.21 10.19 -13.17
C GLN A 628 23.73 9.40 -14.34
N ASN A 629 23.50 8.08 -14.36
CA ASN A 629 24.02 7.22 -15.42
C ASN A 629 23.00 6.16 -15.83
N ASP A 630 21.71 6.48 -15.76
CA ASP A 630 20.65 5.62 -16.32
C ASP A 630 20.63 4.26 -15.65
N ASN A 631 20.75 4.27 -14.31
CA ASN A 631 20.67 3.06 -13.51
C ASN A 631 21.65 1.99 -14.00
N ILE A 632 22.87 2.43 -14.35
CA ILE A 632 23.92 1.50 -14.75
C ILE A 632 24.55 0.93 -13.48
N ASP A 633 24.77 -0.37 -13.47
CA ASP A 633 25.25 -1.06 -12.27
C ASP A 633 26.49 -0.37 -11.72
N ILE A 634 26.47 -0.07 -10.43
CA ILE A 634 27.69 0.39 -9.78
C ILE A 634 28.82 -0.60 -10.00
N GLU A 635 28.48 -1.86 -10.27
CA GLU A 635 29.51 -2.85 -10.59
C GLU A 635 30.27 -2.48 -11.86
N SER A 636 29.57 -2.03 -12.90
CA SER A 636 30.23 -1.69 -14.15
C SER A 636 30.78 -0.26 -14.17
N PHE A 637 30.29 0.62 -13.31
CA PHE A 637 30.72 2.02 -13.33
C PHE A 637 32.22 2.16 -13.04
N PHE A 638 32.70 1.46 -12.01
CA PHE A 638 34.10 1.56 -11.62
C PHE A 638 34.94 0.52 -12.34
N GLY A 639 36.23 0.82 -12.45
CA GLY A 639 37.15 -0.17 -12.95
C GLY A 639 37.35 -1.26 -11.92
N GLU A 640 38.41 -1.13 -11.14
CA GLU A 640 38.74 -2.09 -10.10
C GLU A 640 38.49 -1.45 -8.75
N SER A 641 37.71 -2.13 -7.91
CA SER A 641 37.30 -1.58 -6.64
C SER A 641 37.21 -2.71 -5.62
N CYS A 642 37.10 -2.32 -4.36
CA CYS A 642 36.89 -3.27 -3.27
C CYS A 642 35.58 -2.93 -2.57
N ALA A 643 34.69 -3.91 -2.49
CA ALA A 643 33.39 -3.74 -1.86
C ALA A 643 32.97 -5.07 -1.27
N PRO A 644 33.34 -5.34 -0.02
CA PRO A 644 33.04 -6.65 0.59
C PRO A 644 31.55 -6.98 0.55
N GLY A 645 31.24 -8.19 0.11
CA GLY A 645 29.89 -8.62 -0.12
C GLY A 645 29.55 -8.85 -1.57
N SER A 646 30.43 -8.47 -2.50
CA SER A 646 30.25 -8.73 -3.91
C SER A 646 30.84 -10.09 -4.29
N ASP A 647 30.49 -10.56 -5.49
CA ASP A 647 31.04 -11.82 -5.99
C ASP A 647 32.56 -11.73 -6.13
N THR A 648 33.23 -12.86 -5.87
CA THR A 648 34.69 -12.86 -5.86
C THR A 648 35.27 -12.66 -7.25
N ASN A 649 34.67 -13.30 -8.27
CA ASN A 649 35.13 -13.13 -9.65
C ASN A 649 34.82 -11.75 -10.22
N SER A 650 34.09 -10.92 -9.51
CA SER A 650 33.67 -9.63 -10.04
C SER A 650 34.77 -8.58 -9.86
N LYS A 651 34.66 -7.50 -10.65
CA LYS A 651 35.61 -6.39 -10.58
C LYS A 651 35.54 -5.63 -9.27
N LEU A 652 34.45 -5.79 -8.52
CA LEU A 652 34.29 -5.14 -7.22
C LEU A 652 35.09 -5.82 -6.12
N CYS A 653 35.72 -6.96 -6.41
CA CYS A 653 36.53 -7.64 -5.42
C CYS A 653 38.01 -7.66 -5.77
N LYS A 654 38.38 -7.20 -6.97
CA LYS A 654 39.76 -7.33 -7.41
C LYS A 654 40.71 -6.53 -6.54
N LEU A 655 40.32 -5.33 -6.11
CA LEU A 655 41.17 -4.55 -5.23
C LEU A 655 41.28 -5.16 -3.84
N CYS A 656 40.32 -6.00 -3.46
CA CYS A 656 40.31 -6.53 -2.10
C CYS A 656 41.51 -7.44 -1.85
N ILE A 657 41.79 -7.67 -0.58
CA ILE A 657 42.95 -8.48 -0.18
C ILE A 657 42.53 -9.63 0.72
N GLY A 658 42.14 -9.31 1.95
CA GLY A 658 41.88 -10.35 2.93
C GLY A 658 43.11 -10.52 3.80
N ASP A 659 43.68 -11.73 3.79
CA ASP A 659 44.93 -12.04 4.48
C ASP A 659 44.89 -11.60 5.94
N PRO A 660 44.06 -12.24 6.76
CA PRO A 660 44.08 -11.94 8.21
C PRO A 660 45.39 -12.42 8.82
N GLU A 661 45.45 -13.72 9.11
CA GLU A 661 46.70 -14.40 9.41
C GLU A 661 47.43 -14.82 8.15
N ASN A 662 47.14 -14.17 7.03
CA ASN A 662 47.68 -14.55 5.74
C ASN A 662 47.42 -16.04 5.49
N PRO A 663 46.22 -16.56 5.81
CA PRO A 663 46.02 -18.01 5.76
C PRO A 663 45.61 -18.52 4.39
N LYS A 664 45.40 -19.83 4.28
CA LYS A 664 44.98 -20.43 3.02
C LYS A 664 43.67 -19.83 2.55
N ALA A 665 42.67 -19.77 3.44
CA ALA A 665 41.38 -19.13 3.15
C ALA A 665 41.44 -17.71 3.67
N SER A 666 42.09 -16.83 2.90
CA SER A 666 42.20 -15.43 3.28
C SER A 666 40.85 -14.73 3.32
N THR A 667 39.80 -15.35 2.78
CA THR A 667 38.44 -14.81 2.79
C THR A 667 38.43 -13.36 2.32
N ARG A 668 38.64 -13.22 1.01
CA ARG A 668 38.58 -11.92 0.36
C ARG A 668 37.14 -11.59 -0.01
N CYS A 669 36.76 -10.32 0.19
CA CYS A 669 35.37 -9.89 0.02
C CYS A 669 34.45 -10.66 0.97
N SER A 670 34.84 -10.69 2.24
CA SER A 670 34.26 -11.66 3.18
C SER A 670 33.13 -11.10 4.03
N LEU A 671 32.93 -9.78 4.07
CA LEU A 671 31.97 -9.21 5.00
C LEU A 671 32.38 -9.46 6.44
N SER A 672 33.69 -9.47 6.65
CA SER A 672 34.26 -9.85 7.94
C SER A 672 35.53 -9.04 8.16
N ASP A 673 36.05 -9.10 9.37
CA ASP A 673 37.37 -8.51 9.61
C ASP A 673 38.47 -9.34 8.95
N LYS A 674 38.17 -10.58 8.56
CA LYS A 674 39.11 -11.38 7.77
C LYS A 674 39.46 -10.67 6.46
N GLU A 675 38.58 -9.81 5.96
CA GLU A 675 38.91 -8.95 4.82
C GLU A 675 39.56 -7.68 5.36
N ALA A 676 40.81 -7.45 4.98
CA ALA A 676 41.56 -6.31 5.49
C ALA A 676 40.92 -4.98 5.12
N TYR A 677 40.10 -4.97 4.07
CA TYR A 677 39.55 -3.74 3.53
C TYR A 677 38.11 -3.48 3.95
N TYR A 678 37.54 -4.34 4.79
CA TYR A 678 36.15 -4.24 5.22
C TYR A 678 35.99 -3.18 6.31
N GLY A 679 34.84 -2.46 6.26
CA GLY A 679 34.51 -1.50 7.29
C GLY A 679 35.06 -0.11 7.00
N ASN A 680 34.82 0.80 7.95
CA ASN A 680 35.25 2.18 7.79
C ASN A 680 36.77 2.29 7.66
N GLU A 681 37.48 1.75 8.64
CA GLU A 681 38.94 1.73 8.55
C GLU A 681 39.39 0.98 7.30
N GLY A 682 38.76 -0.17 7.02
CA GLY A 682 39.19 -0.99 5.89
C GLY A 682 39.11 -0.24 4.57
N ALA A 683 38.02 0.49 4.34
CA ALA A 683 37.93 1.32 3.15
C ALA A 683 39.02 2.37 3.13
N PHE A 684 39.42 2.85 4.32
CA PHE A 684 40.51 3.82 4.37
C PHE A 684 41.82 3.18 3.92
N ARG A 685 42.12 1.98 4.40
CA ARG A 685 43.31 1.28 3.93
C ARG A 685 43.29 1.15 2.41
N CYS A 686 42.19 0.61 1.88
CA CYS A 686 42.12 0.36 0.45
C CYS A 686 42.44 1.62 -0.34
N LEU A 687 42.02 2.79 0.15
CA LEU A 687 42.31 4.01 -0.57
C LEU A 687 43.81 4.32 -0.56
N VAL A 688 44.41 4.36 0.63
CA VAL A 688 45.80 4.76 0.77
C VAL A 688 46.74 3.79 0.07
N GLU A 689 46.39 2.50 0.09
CA GLU A 689 47.26 1.48 -0.50
C GLU A 689 47.09 1.38 -2.01
N LYS A 690 45.85 1.15 -2.48
CA LYS A 690 45.61 0.91 -3.91
C LYS A 690 44.19 1.37 -4.25
N GLY A 691 43.99 2.69 -4.34
CA GLY A 691 42.68 3.19 -4.65
C GLY A 691 42.63 4.68 -4.92
N ASP A 692 41.76 5.10 -5.83
CA ASP A 692 41.63 6.52 -6.14
C ASP A 692 40.56 7.20 -5.30
N VAL A 693 39.58 6.44 -4.80
CA VAL A 693 38.45 7.01 -4.08
C VAL A 693 37.91 5.98 -3.11
N ALA A 694 37.53 6.45 -1.93
CA ALA A 694 36.85 5.62 -0.94
C ALA A 694 35.57 6.29 -0.49
N PHE A 695 34.52 5.50 -0.33
CA PHE A 695 33.22 5.98 0.10
C PHE A 695 33.01 5.59 1.55
N VAL A 696 32.92 6.59 2.42
CA VAL A 696 32.95 6.33 3.85
C VAL A 696 32.27 7.45 4.61
N PRO A 697 31.88 7.23 5.86
CA PRO A 697 31.45 8.34 6.72
C PRO A 697 32.59 9.33 6.89
N HIS A 698 32.23 10.59 7.13
CA HIS A 698 33.19 11.67 7.22
C HIS A 698 34.14 11.50 8.38
N THR A 699 33.85 10.61 9.32
CA THR A 699 34.67 10.40 10.51
C THR A 699 35.84 9.45 10.28
N VAL A 700 35.83 8.68 9.20
CA VAL A 700 36.85 7.64 9.07
C VAL A 700 38.24 8.23 8.92
N VAL A 701 38.37 9.33 8.18
CA VAL A 701 39.68 9.91 7.93
C VAL A 701 40.30 10.40 9.23
N PHE A 702 39.60 11.29 9.94
CA PHE A 702 40.09 11.78 11.23
C PHE A 702 40.44 10.62 12.16
N ALA A 703 39.61 9.58 12.19
CA ALA A 703 39.79 8.46 13.08
C ALA A 703 41.05 7.65 12.78
N ASN A 704 41.71 7.90 11.65
CA ASN A 704 42.86 7.09 11.27
C ASN A 704 44.02 7.91 10.71
N THR A 705 44.02 9.22 10.89
CA THR A 705 45.15 10.07 10.53
C THR A 705 45.61 10.81 11.77
N ASP A 706 46.56 11.72 11.59
CA ASP A 706 47.18 12.39 12.72
C ASP A 706 47.66 11.36 13.74
N GLY A 707 48.12 10.21 13.23
CA GLY A 707 48.60 9.12 14.06
C GLY A 707 47.59 8.58 15.05
N LYS A 708 46.29 8.74 14.80
CA LYS A 708 45.30 8.21 15.73
C LYS A 708 45.20 6.70 15.66
N ASN A 709 45.62 6.10 14.57
CA ASN A 709 45.65 4.65 14.47
C ASN A 709 47.09 4.20 14.59
N PRO A 710 47.44 3.44 15.64
CA PRO A 710 48.85 3.07 15.83
C PRO A 710 49.40 2.17 14.73
N ALA A 711 48.54 1.47 13.98
CA ALA A 711 49.02 0.57 12.94
C ALA A 711 50.00 1.26 12.00
N GLU A 712 50.83 0.47 11.33
CA GLU A 712 51.91 1.02 10.52
C GLU A 712 51.37 1.85 9.35
N TRP A 713 50.46 1.28 8.58
CA TRP A 713 49.96 1.94 7.39
C TRP A 713 49.32 3.30 7.72
N ALA A 714 48.67 3.41 8.87
CA ALA A 714 48.03 4.68 9.27
C ALA A 714 48.94 5.58 10.08
N LYS A 715 50.01 5.03 10.66
CA LYS A 715 50.94 5.84 11.44
C LYS A 715 51.46 7.00 10.60
N ASP A 716 51.44 8.20 11.19
CA ASP A 716 51.98 9.40 10.55
C ASP A 716 51.23 9.77 9.27
N LEU A 717 49.92 9.49 9.24
CA LEU A 717 49.17 9.70 8.00
C LEU A 717 48.71 11.15 7.84
N LYS A 718 48.36 11.81 8.94
CA LYS A 718 47.95 13.21 8.85
C LYS A 718 46.63 13.40 8.13
N SER A 719 45.80 14.32 8.61
CA SER A 719 44.51 14.54 7.99
C SER A 719 44.61 15.47 6.77
N GLU A 720 45.50 16.46 6.83
CA GLU A 720 45.60 17.43 5.76
C GLU A 720 45.99 16.82 4.41
N ASP A 721 46.33 15.54 4.37
CA ASP A 721 46.76 14.90 3.14
C ASP A 721 45.60 14.44 2.26
N PHE A 722 44.36 14.61 2.71
CA PHE A 722 43.20 14.13 1.96
C PHE A 722 42.17 15.22 1.84
N GLU A 723 41.31 15.09 0.83
CA GLU A 723 40.18 15.98 0.63
C GLU A 723 38.98 15.17 0.14
N ILE A 724 37.82 15.83 0.10
CA ILE A 724 36.56 15.19 -0.24
C ILE A 724 36.01 15.84 -1.51
N LEU A 725 35.41 15.02 -2.38
CA LEU A 725 34.83 15.52 -3.62
C LEU A 725 33.46 16.12 -3.39
N CYS A 726 33.22 17.26 -4.01
CA CYS A 726 31.90 17.88 -4.01
C CYS A 726 31.15 17.52 -5.28
N LEU A 727 29.83 17.50 -5.17
CA LEU A 727 29.01 17.06 -6.28
C LEU A 727 29.17 17.97 -7.51
N ASP A 728 29.51 19.25 -7.30
CA ASP A 728 29.63 20.22 -8.40
C ASP A 728 30.98 20.17 -9.10
N GLY A 729 31.73 19.08 -8.92
CA GLY A 729 33.04 18.95 -9.52
C GLY A 729 34.18 19.51 -8.69
N SER A 730 33.91 20.41 -7.75
CA SER A 730 34.96 21.02 -6.95
C SER A 730 35.43 20.05 -5.86
N ARG A 731 36.24 20.56 -4.93
CA ARG A 731 36.76 19.80 -3.79
C ARG A 731 36.78 20.69 -2.56
N ALA A 732 37.15 20.09 -1.43
CA ALA A 732 37.28 20.81 -0.16
C ALA A 732 38.06 19.93 0.81
N PRO A 733 38.60 20.51 1.87
CA PRO A 733 39.34 19.71 2.86
C PRO A 733 38.38 18.91 3.73
N VAL A 734 38.87 17.77 4.21
CA VAL A 734 38.07 16.80 4.95
C VAL A 734 37.23 17.48 6.03
N THR A 735 37.63 18.68 6.46
CA THR A 735 36.95 19.37 7.55
C THR A 735 35.59 19.95 7.14
N ASN A 736 35.36 20.20 5.85
CA ASN A 736 34.08 20.79 5.43
C ASN A 736 33.07 19.73 4.99
N TYR A 737 33.05 18.56 5.64
CA TYR A 737 32.10 17.53 5.27
C TYR A 737 30.65 18.03 5.32
N ARG A 738 30.38 19.09 6.08
CA ARG A 738 29.00 19.56 6.18
C ARG A 738 28.50 20.23 4.91
N GLY A 739 29.40 20.77 4.08
CA GLY A 739 28.99 21.47 2.88
C GLY A 739 29.46 20.78 1.62
N CYS A 740 30.29 19.74 1.77
CA CYS A 740 30.87 18.99 0.63
C CYS A 740 30.77 17.48 0.92
N ASN A 741 29.58 16.91 0.77
CA ASN A 741 29.35 15.50 1.06
C ASN A 741 28.44 14.92 -0.01
N LEU A 742 28.42 13.59 -0.11
CA LEU A 742 27.45 12.93 -0.99
C LEU A 742 26.03 13.09 -0.43
N SER A 743 25.85 12.83 0.87
CA SER A 743 24.62 13.17 1.56
C SER A 743 24.82 12.94 3.06
N GLY A 744 24.14 13.74 3.86
CA GLY A 744 24.02 13.43 5.29
C GLY A 744 22.89 12.43 5.52
N LEU A 745 23.11 11.52 6.47
CA LEU A 745 22.07 10.56 6.84
C LEU A 745 21.09 11.23 7.79
N PRO A 746 19.80 10.93 7.69
CA PRO A 746 18.87 11.36 8.73
C PRO A 746 19.05 10.48 9.96
N PRO A 747 18.63 10.93 11.13
CA PRO A 747 18.78 10.11 12.33
C PRO A 747 17.73 9.02 12.35
N ARG A 748 17.94 8.04 13.22
CA ARG A 748 16.91 7.03 13.39
C ARG A 748 15.75 7.66 14.11
N ALA A 749 14.56 7.13 13.85
CA ALA A 749 13.30 7.71 14.28
C ALA A 749 12.47 6.66 14.98
N ILE A 750 11.71 7.10 15.98
CA ILE A 750 10.68 6.31 16.64
C ILE A 750 9.39 6.66 15.94
N VAL A 751 8.75 5.69 15.28
CA VAL A 751 7.58 5.97 14.44
C VAL A 751 6.33 5.49 15.17
N THR A 752 5.19 6.07 14.81
CA THR A 752 3.88 5.70 15.34
C THR A 752 2.80 6.14 14.34
N ARG A 753 1.54 5.92 14.73
CA ARG A 753 0.40 6.37 13.93
C ARG A 753 0.24 7.87 14.05
N GLU A 754 -0.29 8.52 13.01
CA GLU A 754 -0.37 9.97 13.04
C GLU A 754 -1.08 10.47 14.29
N GLU A 755 -2.21 9.85 14.63
CA GLU A 755 -3.02 10.32 15.74
C GLU A 755 -2.42 9.99 17.10
N SER A 756 -1.34 9.20 17.15
CA SER A 756 -0.70 8.83 18.41
C SER A 756 0.60 9.60 18.63
N VAL A 757 1.01 10.42 17.67
CA VAL A 757 2.28 11.12 17.80
C VAL A 757 2.34 11.92 19.09
N SER A 758 1.29 12.68 19.39
CA SER A 758 1.39 13.57 20.54
C SER A 758 1.51 12.78 21.84
N ASP A 759 0.74 11.69 21.96
CA ASP A 759 0.80 10.82 23.13
C ASP A 759 2.19 10.20 23.30
N VAL A 760 2.74 9.66 22.22
CA VAL A 760 4.03 8.98 22.29
C VAL A 760 5.14 9.97 22.61
N VAL A 761 5.07 11.17 22.03
CA VAL A 761 6.05 12.18 22.40
C VAL A 761 5.95 12.48 23.89
N ARG A 762 4.73 12.62 24.39
CA ARG A 762 4.55 13.03 25.76
C ARG A 762 5.07 11.96 26.70
N ILE A 763 4.73 10.70 26.42
CA ILE A 763 5.13 9.62 27.30
C ILE A 763 6.65 9.41 27.22
N LEU A 764 7.22 9.37 26.02
CA LEU A 764 8.66 9.16 25.92
C LEU A 764 9.44 10.28 26.60
N ILE A 765 9.06 11.55 26.39
CA ILE A 765 9.86 12.63 26.99
C ILE A 765 9.77 12.55 28.50
N ASN A 766 8.65 12.07 29.03
CA ASN A 766 8.58 11.87 30.46
C ASN A 766 9.47 10.71 30.88
N GLN A 767 9.34 9.56 30.21
CA GLN A 767 10.22 8.44 30.54
C GLN A 767 11.68 8.87 30.50
N GLN A 768 12.04 9.68 29.52
CA GLN A 768 13.42 10.11 29.38
C GLN A 768 13.85 11.04 30.53
N SER A 769 12.94 11.83 31.07
CA SER A 769 13.31 12.68 32.21
C SER A 769 13.66 11.84 33.42
N LEU A 770 13.20 10.59 33.48
CA LEU A 770 13.48 9.67 34.58
C LEU A 770 14.64 8.74 34.27
N TYR A 771 14.69 8.17 33.06
CA TYR A 771 15.61 7.09 32.77
C TYR A 771 16.59 7.38 31.65
N GLY A 772 16.61 8.61 31.14
CA GLY A 772 17.63 8.99 30.18
C GLY A 772 18.96 9.22 30.89
N ARG A 773 19.91 9.74 30.12
CA ARG A 773 21.30 9.86 30.59
C ARG A 773 21.45 10.80 31.79
N ASN A 774 20.61 11.83 31.90
CA ASN A 774 20.55 12.64 33.10
C ASN A 774 19.22 12.43 33.81
N GLY A 775 18.66 11.21 33.70
CA GLY A 775 17.36 10.96 34.28
C GLY A 775 17.38 11.10 35.79
N PHE A 776 16.25 11.58 36.33
CA PHE A 776 16.16 11.74 37.77
C PHE A 776 16.21 10.39 38.50
N GLU A 777 15.78 9.31 37.83
CA GLU A 777 15.79 7.98 38.43
C GLU A 777 16.66 7.03 37.65
N LYS A 778 17.80 7.53 37.16
CA LYS A 778 18.56 6.68 36.26
C LYS A 778 19.16 5.48 36.96
N ASP A 779 19.08 5.42 38.29
CA ASP A 779 19.49 4.17 38.94
C ASP A 779 18.39 3.13 38.85
N MET A 780 17.14 3.54 38.79
CA MET A 780 16.07 2.56 38.61
C MET A 780 16.18 1.85 37.25
N PHE A 781 16.59 2.55 36.20
CA PHE A 781 16.55 2.03 34.82
C PHE A 781 17.24 2.98 33.88
N GLN A 782 17.96 2.42 32.90
CA GLN A 782 18.63 3.22 31.87
C GLN A 782 18.07 2.90 30.49
N MET A 783 17.48 3.89 29.82
CA MET A 783 16.85 3.63 28.53
C MET A 783 17.87 3.25 27.48
N PHE A 784 19.07 3.81 27.55
CA PHE A 784 20.03 3.72 26.47
C PHE A 784 21.19 2.77 26.73
N SER A 785 21.01 1.77 27.59
CA SER A 785 21.99 0.69 27.73
C SER A 785 21.29 -0.57 28.23
N SER A 786 22.04 -1.66 28.32
CA SER A 786 21.48 -2.87 28.92
C SER A 786 22.59 -3.88 29.07
N ALA A 787 22.46 -4.71 30.11
CA ALA A 787 23.28 -5.91 30.25
C ALA A 787 22.80 -7.04 29.35
N LYS A 788 21.57 -6.99 28.91
CA LYS A 788 21.03 -8.07 28.09
C LYS A 788 21.53 -8.05 26.65
N GLY A 789 22.23 -7.02 26.23
CA GLY A 789 22.76 -6.96 24.88
C GLY A 789 22.97 -5.52 24.44
N GLN A 790 23.41 -5.37 23.20
CA GLN A 790 23.77 -4.06 22.66
C GLN A 790 22.68 -3.47 21.77
N ASN A 791 22.45 -2.16 21.91
CA ASN A 791 21.47 -1.42 21.11
C ASN A 791 20.10 -2.05 21.15
N LEU A 792 19.61 -2.32 22.36
CA LEU A 792 18.29 -2.91 22.51
C LEU A 792 17.27 -1.78 22.62
N LEU A 793 16.28 -1.77 21.70
CA LEU A 793 15.21 -0.77 21.65
C LEU A 793 15.69 0.56 21.07
N PHE A 794 16.78 1.07 21.60
CA PHE A 794 17.45 2.30 21.14
C PHE A 794 18.92 1.97 20.90
N ASN A 795 19.58 2.79 20.10
CA ASN A 795 21.02 2.62 19.93
C ASN A 795 21.74 3.09 21.19
N ASP A 796 22.73 2.32 21.65
CA ASP A 796 23.35 2.60 22.96
C ASP A 796 24.06 3.95 22.99
N GLU A 797 24.49 4.47 21.83
CA GLU A 797 25.13 5.79 21.77
C GLU A 797 24.14 6.95 21.71
N THR A 798 22.84 6.68 21.67
CA THR A 798 21.88 7.77 21.73
C THR A 798 22.17 8.63 22.95
N GLN A 799 22.21 9.95 22.73
CA GLN A 799 22.36 10.90 23.82
C GLN A 799 20.99 11.22 24.43
N CYS A 800 19.99 11.39 23.59
CA CYS A 800 18.61 11.54 24.01
C CYS A 800 17.73 11.45 22.78
N LEU A 801 16.43 11.45 23.02
CA LEU A 801 15.45 11.46 21.95
C LEU A 801 14.88 12.86 21.90
N ILE A 802 14.62 13.35 20.69
CA ILE A 802 14.21 14.72 20.43
C ILE A 802 12.96 14.70 19.56
N GLU A 803 11.95 15.46 19.95
CA GLU A 803 10.69 15.52 19.22
C GLU A 803 10.92 15.93 17.77
N PHE A 804 10.28 15.21 16.83
CA PHE A 804 10.39 15.56 15.42
C PHE A 804 9.58 16.82 15.18
N ASP A 805 10.25 17.89 14.75
CA ASP A 805 9.61 19.17 14.46
C ASP A 805 9.07 19.09 13.04
N ARG A 806 7.82 18.71 12.91
CA ARG A 806 7.25 18.48 11.59
C ARG A 806 7.11 19.80 10.84
N GLN A 807 7.64 19.86 9.62
CA GLN A 807 7.57 21.04 8.75
C GLN A 807 6.44 20.92 7.73
N PRO A 808 5.98 22.06 7.17
CA PRO A 808 4.93 22.00 6.12
C PRO A 808 5.52 21.67 4.76
N LYS A 809 5.84 20.39 4.58
CA LYS A 809 6.36 19.88 3.32
C LYS A 809 6.07 18.37 3.28
N ASP A 810 6.41 17.72 2.16
CA ASP A 810 6.22 16.27 2.03
C ASP A 810 7.00 15.58 3.14
N ILE A 811 6.37 14.64 3.84
CA ILE A 811 7.07 13.96 4.94
C ILE A 811 8.34 13.28 4.44
N MET A 812 8.31 12.76 3.20
CA MET A 812 9.51 12.12 2.65
C MET A 812 10.68 13.07 2.70
N GLU A 813 10.49 14.26 2.15
CA GLU A 813 11.56 15.24 2.17
C GLU A 813 11.79 15.73 3.61
N ASP A 814 10.72 15.89 4.39
CA ASP A 814 10.88 16.37 5.76
C ASP A 814 11.76 15.41 6.58
N TYR A 815 11.46 14.10 6.53
CA TYR A 815 12.23 13.16 7.35
C TYR A 815 13.60 12.86 6.74
N PHE A 816 13.71 12.63 5.43
CA PHE A 816 15.00 12.23 4.86
C PHE A 816 15.95 13.39 4.63
N GLY A 817 15.45 14.62 4.53
CA GLY A 817 16.27 15.67 3.98
C GLY A 817 16.32 15.59 2.46
N VAL A 818 16.29 16.74 1.79
CA VAL A 818 16.13 16.74 0.33
C VAL A 818 17.29 16.01 -0.34
N ARG A 819 18.50 16.17 0.19
CA ARG A 819 19.65 15.55 -0.49
C ARG A 819 19.56 14.03 -0.45
N TYR A 820 19.33 13.46 0.75
CA TYR A 820 19.21 12.00 0.87
C TYR A 820 18.04 11.47 0.04
N TYR A 821 16.87 12.08 0.20
CA TYR A 821 15.69 11.72 -0.58
C TYR A 821 16.01 11.63 -2.07
N THR A 822 16.69 12.63 -2.63
CA THR A 822 16.88 12.53 -4.08
C THR A 822 18.02 11.60 -4.43
N ALA A 823 19.08 11.55 -3.62
CA ALA A 823 20.20 10.67 -3.93
C ALA A 823 19.81 9.19 -3.89
N VAL A 824 19.02 8.78 -2.90
CA VAL A 824 18.72 7.37 -2.70
C VAL A 824 17.42 6.96 -3.38
N TYR A 825 16.41 7.84 -3.38
CA TYR A 825 15.08 7.50 -3.88
C TYR A 825 14.64 8.35 -5.09
N SER A 826 15.55 9.14 -5.68
CA SER A 826 15.23 10.09 -6.75
C SER A 826 14.09 11.03 -6.37
N ALA A 827 13.99 11.35 -5.08
CA ALA A 827 12.89 12.20 -4.60
C ALA A 827 11.53 11.72 -5.12
N SER A 828 11.35 10.39 -5.20
CA SER A 828 10.15 9.80 -5.75
C SER A 828 9.36 9.04 -4.68
N ARG A 829 8.03 9.16 -4.74
CA ARG A 829 7.15 8.34 -3.90
C ARG A 829 6.82 7.00 -4.53
N SER A 830 7.56 6.58 -5.54
CA SER A 830 7.17 5.37 -6.26
C SER A 830 8.18 4.23 -6.13
N ALA A 831 9.19 4.35 -5.29
CA ALA A 831 10.07 3.22 -5.10
C ALA A 831 9.35 2.15 -4.27
N VAL A 832 9.78 0.90 -4.44
CA VAL A 832 9.15 -0.21 -3.73
C VAL A 832 10.24 -1.05 -3.05
N PRO A 833 10.93 -0.53 -2.03
CA PRO A 833 11.95 -1.34 -1.33
C PRO A 833 11.37 -2.44 -0.47
N SER A 834 10.05 -2.47 -0.25
CA SER A 834 9.41 -3.56 0.46
C SER A 834 8.06 -3.91 -0.18
N GLU A 835 7.79 -5.21 -0.37
CA GLU A 835 6.51 -5.66 -0.93
C GLU A 835 5.34 -5.32 -0.04
N LEU A 836 5.58 -4.84 1.18
CA LEU A 836 4.46 -4.37 2.00
C LEU A 836 3.86 -3.07 1.45
N ILE A 837 4.66 -2.25 0.76
CA ILE A 837 4.18 -0.93 0.35
C ILE A 837 2.91 -0.99 -0.52
N PRO A 838 2.84 -1.81 -1.59
CA PRO A 838 1.58 -1.89 -2.36
C PRO A 838 0.40 -2.30 -1.51
N ALA A 839 0.59 -3.14 -0.49
CA ALA A 839 -0.55 -3.53 0.33
C ALA A 839 -0.94 -2.40 1.28
N CYS A 840 0.05 -1.73 1.90
CA CYS A 840 -0.33 -0.74 2.88
C CYS A 840 -0.75 0.57 2.25
N THR A 841 -0.48 0.79 0.97
CA THR A 841 -0.98 2.01 0.34
C THR A 841 -2.23 1.75 -0.50
N PHE A 842 -2.79 0.55 -0.43
CA PHE A 842 -4.00 0.24 -1.15
C PHE A 842 -5.14 1.14 -0.69
N LYS A 843 -5.90 1.74 -1.62
CA LYS A 843 -6.88 2.75 -1.20
C LYS A 843 -8.24 2.13 -0.91
N HIS A 844 -9.00 2.78 -0.03
CA HIS A 844 -10.20 2.21 0.57
C HIS A 844 -11.45 3.03 0.32
N CYS A 845 -12.60 2.40 0.57
CA CYS A 845 -13.92 3.02 0.36
C CYS A 845 -14.55 3.28 1.71
N SER A 846 -14.06 4.31 2.37
CA SER A 846 -14.39 4.58 3.76
C SER A 846 -15.13 5.90 3.89
N ASN A 847 -15.76 6.08 5.02
CA ASN A 847 -16.62 7.22 5.32
C ASN A 847 -15.98 8.09 6.40
N SER A 848 -16.60 9.24 6.64
CA SER A 848 -16.11 10.16 7.67
C SER A 848 -17.10 10.31 8.83
#